data_8HNT
#
_entry.id   8HNT
#
_cell.length_a   205.834
_cell.length_b   134.592
_cell.length_c   67.531
_cell.angle_alpha   90.000
_cell.angle_beta   105.044
_cell.angle_gamma   90.000
#
_symmetry.space_group_name_H-M   'C 1 2 1'
#
loop_
_entity.id
_entity.type
_entity.pdbx_description
1 polymer 'CRISPR-associated endonuclease Cas9'
2 polymer sgRNA
3 polymer 'anti-CRISPR protein AcrIIC4'
#
loop_
_entity_poly.entity_id
_entity_poly.type
_entity_poly.pdbx_seq_one_letter_code
_entity_poly.pdbx_strand_id
1 'polypeptide(L)'
;SMENKNLNYILGLDLGIASVGWAVVEIDEKENPLRLIDVGVRTFERAEVPKTGESLALSRRLARSARRLTQRRVARLKKA
KRLLKSENILLSTDERLPHQVWQLRVEGLDHKLERQEWAAVLLHLIKHRGYLSQRKNESKSENKELGALLSGVDNNHKLL
QQATYRSPAELAVKKFEVEEGHIRNQQGAYTHTFSRLDLLAEMELLFSRQQHFGNPFASEKLLENLTALLMWQKPALSGE
AILKMLGKCTFEDEYKAAKNTYSAERFVWITKLNNLRIQENGLERALNDNERLALMEQPYDKNRLFYSQVRSILKLSDEA
IFKGLRYSGEDKKAIETKAVLMEMKAYHQIRKVLEGNNLKAEWAELKANPTLLDEIGTAFSLYKTDEDISAYLAGKLSQP
VLNALLENLSFDKFIQLSLKALYKLLPLMQQGLRYDEACREIYGDHYGKKTEENHHFLPQIPADEIRNPVVLRTLTQARK
VINGVVRLYGSPARIHIETGREVGKSYKDRRELEKRQEENRKQRENAIKEFKEYFPHFAGEPKAKDILKMRLYKQQNAKC
LYSGKPIELHRLLEKGYVEVDHALPFSRTWDDSFNNKVLVLANENQNKGNLTPFEWLDGKHNSERWRAFKALVETSAFPY
AKKQRILSQKLDEKGFIERNLNDTRYVARFLCNFIADNMHLTGEGKRKVFASNGQITALLRSRWGLAKSREDNDRHHALD
AVVVACSTVAMQQKITRFVRFEAGDVFTGERIDRETGEIIPLHFPTPWQFFKQEVEIRIFSDNPKLELENRLPDRPQANH
EFVQPLFVSRMPTRKMTGQGHMETVKSAKRLNEGISVIKMPLTKLKLKDLELMVNREREKDLYDTLKARLEAFNDDPAKA
FAEPFIKKGGAIVKSVRVEQIQKSGVLVREGNGVADNASMVRVDVFTKGGKYFLVPIYTWQVAKGILPNKAATQYKDEED
WEVMDNSATFKFSLHPNDLVKLVTKKKTILGYFNGLNRATGNIDIKEHDLDKSKGKQGIFEGVGIKLALSFEKYQVDELG
KNIRLCKPSKRQPVR
;
A
2 'polyribonucleotide'
;GGUCACUCUAACAUUUAAUCACACGUUGUAGCUCCCUUUUUCGAAAGAAAAACGUUGUUACAAUAAGAGAAAAGAUUUCU
CGCAAAGCUCUGUCCCUUGAAAUGUAAGUUUCAAGGGACAUCUUUUUC
;
B
3 'polypeptide(L)'
;SMKITSSNFATIATSENFAKLSVLPKNHREPIKGLFKSAVEQFSSARDFFKNENYSKELAEKFNKEAVNEAVEKLQKAID
LAEKQGIQF
;
C
#
loop_
_chem_comp.id
_chem_comp.type
_chem_comp.name
_chem_comp.formula
A RNA linking ADENOSINE-5'-MONOPHOSPHATE 'C10 H14 N5 O7 P'
C RNA linking CYTIDINE-5'-MONOPHOSPHATE 'C9 H14 N3 O8 P'
G RNA linking GUANOSINE-5'-MONOPHOSPHATE 'C10 H14 N5 O8 P'
U RNA linking URIDINE-5'-MONOPHOSPHATE 'C9 H13 N2 O9 P'
#
# COMPACT_ATOMS: atom_id res chain seq x y z
N LYS A 5 1.14 -11.76 42.38
CA LYS A 5 1.42 -12.75 41.34
C LYS A 5 0.74 -12.37 40.03
N ASN A 6 1.09 -13.10 38.96
CA ASN A 6 0.49 -12.84 37.67
C ASN A 6 -0.99 -13.20 37.67
N LEU A 7 -1.80 -12.39 37.01
CA LEU A 7 -3.24 -12.54 37.01
C LEU A 7 -3.69 -13.59 35.98
N ASN A 8 -4.94 -14.01 36.11
CA ASN A 8 -5.62 -14.84 35.11
C ASN A 8 -6.62 -13.94 34.40
N TYR A 9 -6.26 -13.46 33.21
CA TYR A 9 -7.05 -12.45 32.51
C TYR A 9 -7.22 -12.83 31.04
N ILE A 10 -8.31 -12.33 30.47
CA ILE A 10 -8.55 -12.37 29.04
C ILE A 10 -8.33 -10.97 28.48
N LEU A 11 -7.61 -10.89 27.37
CA LEU A 11 -7.34 -9.63 26.69
C LEU A 11 -8.29 -9.47 25.53
N GLY A 12 -9.10 -8.42 25.55
CA GLY A 12 -9.98 -8.07 24.46
C GLY A 12 -9.36 -6.95 23.63
N LEU A 13 -9.51 -7.07 22.32
CA LEU A 13 -8.98 -6.09 21.37
C LEU A 13 -10.09 -5.61 20.45
N ASP A 14 -9.98 -4.37 20.03
CA ASP A 14 -10.87 -3.77 19.04
C ASP A 14 -9.98 -3.10 17.99
N LEU A 15 -9.97 -3.65 16.78
CA LEU A 15 -9.05 -3.20 15.73
C LEU A 15 -9.81 -2.41 14.67
N GLY A 16 -9.22 -1.29 14.25
CA GLY A 16 -9.75 -0.51 13.16
C GLY A 16 -8.62 0.16 12.42
N ILE A 17 -8.93 0.61 11.20
CA ILE A 17 -7.94 1.10 10.24
C ILE A 17 -7.05 2.19 10.84
N ALA A 18 -7.48 2.79 11.97
CA ALA A 18 -6.69 3.83 12.59
C ALA A 18 -6.60 3.72 14.11
N SER A 19 -7.05 2.62 14.71
CA SER A 19 -7.04 2.57 16.17
C SER A 19 -7.00 1.13 16.65
N VAL A 20 -6.54 0.97 17.89
CA VAL A 20 -6.54 -0.30 18.59
C VAL A 20 -6.94 -0.06 20.03
N GLY A 21 -8.17 -0.44 20.38
CA GLY A 21 -8.61 -0.42 21.76
C GLY A 21 -8.31 -1.76 22.42
N TRP A 22 -8.03 -1.72 23.72
CA TRP A 22 -7.66 -2.94 24.41
C TRP A 22 -8.20 -2.91 25.83
N ALA A 23 -8.61 -4.08 26.30
CA ALA A 23 -9.13 -4.27 27.66
C ALA A 23 -8.50 -5.53 28.24
N VAL A 24 -8.26 -5.48 29.54
CA VAL A 24 -7.71 -6.60 30.30
C VAL A 24 -8.74 -6.92 31.38
N VAL A 25 -9.39 -8.07 31.27
CA VAL A 25 -10.51 -8.42 32.14
C VAL A 25 -10.15 -9.71 32.88
N GLU A 26 -10.14 -9.66 34.20
CA GLU A 26 -9.81 -10.83 35.00
C GLU A 26 -10.90 -11.88 34.92
N ILE A 27 -10.50 -13.15 34.88
CA ILE A 27 -11.41 -14.28 34.88
C ILE A 27 -11.01 -15.22 36.01
N ASP A 28 -11.98 -16.03 36.44
CA ASP A 28 -11.74 -17.05 37.45
C ASP A 28 -11.17 -18.30 36.79
N GLU A 29 -11.09 -19.40 37.54
CA GLU A 29 -10.59 -20.65 36.97
C GLU A 29 -11.62 -21.32 36.06
N LYS A 30 -12.89 -20.92 36.14
CA LYS A 30 -13.84 -21.20 35.08
C LYS A 30 -13.70 -20.13 34.00
N GLU A 31 -14.55 -20.18 32.99
CA GLU A 31 -14.55 -19.15 31.95
C GLU A 31 -15.56 -18.06 32.29
N ASN A 32 -15.40 -17.48 33.47
CA ASN A 32 -16.34 -16.49 34.00
C ASN A 32 -15.58 -15.23 34.40
N PRO A 33 -15.82 -14.10 33.72
CA PRO A 33 -15.16 -12.85 34.12
C PRO A 33 -15.60 -12.40 35.51
N LEU A 34 -14.68 -11.72 36.20
CA LEU A 34 -14.93 -11.23 37.56
C LEU A 34 -14.95 -9.71 37.62
N ARG A 35 -13.88 -9.05 37.20
CA ARG A 35 -13.85 -7.59 37.24
C ARG A 35 -12.91 -7.08 36.15
N LEU A 36 -13.14 -5.83 35.75
CA LEU A 36 -12.30 -5.18 34.76
C LEU A 36 -10.99 -4.74 35.41
N ILE A 37 -9.87 -5.16 34.83
CA ILE A 37 -8.56 -4.82 35.39
C ILE A 37 -8.02 -3.55 34.74
N ASP A 38 -7.90 -3.55 33.42
CA ASP A 38 -7.27 -2.42 32.74
C ASP A 38 -7.97 -2.15 31.42
N VAL A 39 -7.76 -0.95 30.88
CA VAL A 39 -8.37 -0.54 29.62
C VAL A 39 -7.56 0.60 29.04
N GLY A 40 -7.48 0.65 27.70
CA GLY A 40 -6.72 1.69 27.05
C GLY A 40 -6.98 1.72 25.55
N VAL A 41 -6.44 2.76 24.91
CA VAL A 41 -6.62 2.98 23.48
C VAL A 41 -5.31 3.50 22.90
N ARG A 42 -4.92 2.96 21.75
CA ARG A 42 -3.75 3.42 21.01
C ARG A 42 -4.17 3.77 19.59
N THR A 43 -3.88 5.00 19.19
CA THR A 43 -4.19 5.46 17.84
C THR A 43 -2.90 5.59 17.03
N PHE A 44 -3.09 5.60 15.71
CA PHE A 44 -1.98 5.67 14.77
C PHE A 44 -2.52 6.23 13.47
N GLU A 45 -1.63 6.79 12.66
CA GLU A 45 -2.05 7.39 11.40
C GLU A 45 -2.30 6.29 10.37
N ARG A 46 -3.52 6.27 9.83
CA ARG A 46 -3.95 5.32 8.81
C ARG A 46 -2.91 5.15 7.72
N ALA A 47 -2.44 3.91 7.53
CA ALA A 47 -1.27 3.62 6.70
C ALA A 47 -1.62 3.68 5.22
N GLU A 48 -2.02 4.87 4.79
CA GLU A 48 -2.34 5.15 3.40
C GLU A 48 -2.43 6.66 3.24
N VAL A 49 -2.50 7.12 2.00
CA VAL A 49 -2.59 8.55 1.75
C VAL A 49 -3.87 9.08 2.39
N PRO A 50 -3.83 10.19 3.14
CA PRO A 50 -5.04 10.65 3.84
C PRO A 50 -6.23 10.93 2.93
N LYS A 51 -5.98 11.36 1.70
CA LYS A 51 -7.06 11.75 0.80
C LYS A 51 -7.18 10.82 -0.41
N THR A 52 -6.09 10.66 -1.19
CA THR A 52 -6.19 9.89 -2.42
C THR A 52 -6.36 8.40 -2.16
N GLY A 53 -5.80 7.88 -1.07
CA GLY A 53 -5.88 6.48 -0.77
C GLY A 53 -4.86 5.60 -1.47
N GLU A 54 -3.95 6.18 -2.24
CA GLU A 54 -2.87 5.42 -2.84
C GLU A 54 -1.86 5.00 -1.77
N SER A 55 -0.94 4.12 -2.17
CA SER A 55 0.10 3.69 -1.24
C SER A 55 1.02 4.85 -0.89
N LEU A 56 1.49 4.87 0.36
CA LEU A 56 2.38 5.93 0.81
C LEU A 56 3.73 5.89 0.12
N ALA A 57 4.09 4.76 -0.49
CA ALA A 57 5.36 4.62 -1.19
C ALA A 57 5.24 4.88 -2.69
N LEU A 58 4.04 5.15 -3.19
CA LEU A 58 3.86 5.38 -4.62
C LEU A 58 4.56 6.67 -5.06
N SER A 59 4.46 7.72 -4.27
CA SER A 59 5.16 8.98 -4.58
C SER A 59 6.67 8.76 -4.60
N ARG A 60 7.18 8.01 -3.63
CA ARG A 60 8.62 7.70 -3.61
C ARG A 60 9.02 6.90 -4.84
N ARG A 61 8.19 5.94 -5.25
CA ARG A 61 8.49 5.15 -6.44
C ARG A 61 8.54 6.03 -7.69
N LEU A 62 7.57 6.93 -7.85
CA LEU A 62 7.58 7.82 -9.01
C LEU A 62 8.78 8.77 -8.97
N ALA A 63 9.12 9.27 -7.79
CA ALA A 63 10.30 10.14 -7.67
C ALA A 63 11.56 9.39 -8.05
N ARG A 64 11.69 8.13 -7.61
CA ARG A 64 12.83 7.32 -8.00
C ARG A 64 12.89 7.14 -9.50
N SER A 65 11.74 6.87 -10.12
CA SER A 65 11.70 6.69 -11.58
C SER A 65 12.16 7.96 -12.29
N ALA A 66 11.67 9.12 -11.86
CA ALA A 66 12.05 10.37 -12.50
C ALA A 66 13.54 10.66 -12.33
N ARG A 67 14.05 10.47 -11.11
CA ARG A 67 15.47 10.71 -10.85
C ARG A 67 16.33 9.80 -11.72
N ARG A 68 15.98 8.51 -11.78
CA ARG A 68 16.75 7.59 -12.59
C ARG A 68 16.70 7.96 -14.06
N LEU A 69 15.52 8.33 -14.56
CA LEU A 69 15.42 8.65 -15.98
C LEU A 69 16.27 9.87 -16.34
N THR A 70 16.20 10.92 -15.51
CA THR A 70 17.04 12.09 -15.75
C THR A 70 18.52 11.74 -15.65
N GLN A 71 18.88 10.87 -14.70
CA GLN A 71 20.28 10.48 -14.55
C GLN A 71 20.78 9.73 -15.78
N ARG A 72 19.97 8.81 -16.32
CA ARG A 72 20.35 8.11 -17.54
C ARG A 72 20.49 9.07 -18.72
N ARG A 73 19.57 10.04 -18.82
CA ARG A 73 19.68 11.03 -19.90
C ARG A 73 21.00 11.79 -19.80
N VAL A 74 21.34 12.25 -18.59
CA VAL A 74 22.59 12.99 -18.41
C VAL A 74 23.79 12.11 -18.71
N ALA A 75 23.75 10.85 -18.27
CA ALA A 75 24.88 9.95 -18.49
C ALA A 75 25.11 9.70 -19.98
N ARG A 76 24.03 9.46 -20.73
CA ARG A 76 24.22 9.20 -22.15
C ARG A 76 24.60 10.46 -22.91
N LEU A 77 24.14 11.63 -22.44
CA LEU A 77 24.61 12.88 -23.04
C LEU A 77 26.10 13.07 -22.79
N LYS A 78 26.57 12.75 -21.58
CA LYS A 78 28.00 12.82 -21.30
C LYS A 78 28.79 11.89 -22.21
N LYS A 79 28.29 10.65 -22.37
CA LYS A 79 29.02 9.70 -23.21
C LYS A 79 29.03 10.15 -24.66
N ALA A 80 27.92 10.71 -25.16
CA ALA A 80 27.90 11.22 -26.52
C ALA A 80 28.86 12.38 -26.70
N LYS A 81 28.91 13.30 -25.72
CA LYS A 81 29.83 14.42 -25.80
C LYS A 81 31.27 13.93 -25.83
N ARG A 82 31.61 12.99 -24.95
CA ARG A 82 32.97 12.47 -24.91
C ARG A 82 33.33 11.73 -26.20
N LEU A 83 32.39 10.96 -26.74
CA LEU A 83 32.64 10.23 -27.97
C LEU A 83 32.85 11.19 -29.14
N LEU A 84 32.05 12.26 -29.22
CA LEU A 84 32.25 13.25 -30.27
C LEU A 84 33.58 13.97 -30.10
N LYS A 85 33.97 14.28 -28.86
CA LYS A 85 35.24 14.94 -28.63
C LYS A 85 36.41 14.05 -29.03
N SER A 86 36.34 12.76 -28.68
CA SER A 86 37.41 11.83 -29.05
C SER A 86 37.50 11.66 -30.56
N GLU A 87 36.36 11.60 -31.24
CA GLU A 87 36.32 11.56 -32.70
C GLU A 87 36.42 12.93 -33.33
N ASN A 88 36.82 13.94 -32.55
CA ASN A 88 37.19 15.28 -33.01
C ASN A 88 36.04 16.10 -33.54
N ILE A 89 34.80 15.59 -33.46
CA ILE A 89 33.65 16.40 -33.86
C ILE A 89 33.49 17.58 -32.91
N LEU A 90 33.56 17.32 -31.61
CA LEU A 90 33.42 18.36 -30.60
C LEU A 90 34.81 18.83 -30.18
N LEU A 91 35.10 20.11 -30.41
CA LEU A 91 36.40 20.65 -30.03
C LEU A 91 36.65 20.53 -28.54
N SER A 92 35.64 20.84 -27.72
CA SER A 92 35.69 20.67 -26.29
C SER A 92 34.27 20.43 -25.80
N THR A 93 34.15 20.06 -24.52
CA THR A 93 32.85 19.64 -24.00
C THR A 93 31.80 20.73 -24.13
N ASP A 94 32.16 21.97 -23.83
CA ASP A 94 31.23 23.09 -23.80
C ASP A 94 31.58 24.09 -24.90
N GLU A 95 30.86 24.02 -26.01
CA GLU A 95 30.85 25.06 -27.03
C GLU A 95 29.40 25.45 -27.28
N ARG A 96 29.16 26.72 -27.56
CA ARG A 96 27.79 27.20 -27.75
C ARG A 96 27.29 26.74 -29.12
N LEU A 97 26.90 25.48 -29.17
CA LEU A 97 26.42 24.88 -30.40
C LEU A 97 25.10 25.54 -30.82
N PRO A 98 24.79 25.57 -32.12
CA PRO A 98 23.63 26.32 -32.60
C PRO A 98 22.32 25.83 -32.00
N HIS A 99 21.30 26.67 -32.12
CA HIS A 99 20.00 26.46 -31.51
C HIS A 99 18.90 26.15 -32.52
N GLN A 100 19.22 26.12 -33.81
CA GLN A 100 18.25 25.88 -34.88
C GLN A 100 18.36 24.46 -35.43
N VAL A 101 18.55 23.48 -34.54
CA VAL A 101 18.90 22.13 -34.97
C VAL A 101 17.84 21.55 -35.90
N TRP A 102 16.56 21.83 -35.63
CA TRP A 102 15.50 21.29 -36.49
C TRP A 102 15.66 21.76 -37.93
N GLN A 103 15.85 23.07 -38.13
CA GLN A 103 16.12 23.58 -39.47
C GLN A 103 17.49 23.12 -39.96
N LEU A 104 18.40 22.79 -39.04
CA LEU A 104 19.71 22.29 -39.43
C LEU A 104 19.63 20.86 -39.91
N ARG A 105 18.79 20.03 -39.28
CA ARG A 105 18.65 18.63 -39.69
C ARG A 105 18.11 18.53 -41.12
N VAL A 106 17.10 19.34 -41.45
CA VAL A 106 16.61 19.35 -42.83
C VAL A 106 17.62 19.99 -43.76
N GLU A 107 18.34 21.01 -43.27
CA GLU A 107 19.45 21.56 -44.04
C GLU A 107 20.58 20.56 -44.16
N GLY A 108 20.76 19.70 -43.16
CA GLY A 108 21.72 18.60 -43.29
C GLY A 108 21.38 17.68 -44.44
N LEU A 109 20.10 17.57 -44.77
CA LEU A 109 19.68 16.92 -46.00
C LEU A 109 19.81 17.90 -47.16
N ASP A 110 20.31 17.40 -48.29
CA ASP A 110 20.46 18.19 -49.51
C ASP A 110 21.43 19.36 -49.33
N HIS A 111 22.37 19.24 -48.39
CA HIS A 111 23.39 20.25 -48.12
C HIS A 111 24.33 19.68 -47.06
N LYS A 112 25.51 20.29 -46.95
CA LYS A 112 26.51 19.90 -45.95
C LYS A 112 26.55 20.93 -44.82
N LEU A 113 26.64 20.44 -43.58
CA LEU A 113 26.73 21.29 -42.41
C LEU A 113 28.15 21.27 -41.85
N GLU A 114 28.56 22.41 -41.29
CA GLU A 114 29.89 22.52 -40.69
C GLU A 114 29.96 21.67 -39.42
N ARG A 115 31.15 21.64 -38.82
CA ARG A 115 31.37 20.75 -37.67
C ARG A 115 30.49 21.14 -36.49
N GLN A 116 30.36 22.43 -36.21
CA GLN A 116 29.55 22.85 -35.06
C GLN A 116 28.08 22.47 -35.26
N GLU A 117 27.54 22.76 -36.44
CA GLU A 117 26.14 22.43 -36.71
C GLU A 117 25.90 20.92 -36.69
N TRP A 118 26.85 20.16 -37.24
CA TRP A 118 26.71 18.71 -37.26
C TRP A 118 26.75 18.15 -35.85
N ALA A 119 27.64 18.65 -35.01
CA ALA A 119 27.67 18.24 -33.61
C ALA A 119 26.38 18.61 -32.90
N ALA A 120 25.84 19.80 -33.18
CA ALA A 120 24.61 20.23 -32.54
C ALA A 120 23.46 19.29 -32.89
N VAL A 121 23.30 18.97 -34.18
CA VAL A 121 22.19 18.10 -34.56
C VAL A 121 22.40 16.69 -34.03
N LEU A 122 23.66 16.23 -33.98
CA LEU A 122 23.94 14.90 -33.45
C LEU A 122 23.56 14.80 -31.97
N LEU A 123 24.00 15.79 -31.17
CA LEU A 123 23.65 15.81 -29.77
C LEU A 123 22.15 15.98 -29.56
N HIS A 124 21.48 16.74 -30.44
CA HIS A 124 20.03 16.87 -30.34
C HIS A 124 19.34 15.55 -30.60
N LEU A 125 19.80 14.78 -31.60
CA LEU A 125 19.23 13.46 -31.84
C LEU A 125 19.44 12.55 -30.64
N ILE A 126 20.63 12.60 -30.04
CA ILE A 126 20.88 11.78 -28.86
C ILE A 126 19.99 12.20 -27.70
N LYS A 127 19.75 13.50 -27.54
CA LYS A 127 18.97 13.99 -26.42
C LYS A 127 17.48 13.65 -26.56
N HIS A 128 16.94 13.79 -27.77
CA HIS A 128 15.53 13.54 -28.04
C HIS A 128 15.44 12.34 -28.98
N ARG A 129 15.30 11.14 -28.40
CA ARG A 129 15.42 9.92 -29.16
C ARG A 129 14.12 9.18 -29.42
N GLY A 130 13.10 9.37 -28.61
CA GLY A 130 11.79 8.82 -28.90
C GLY A 130 11.49 7.51 -28.22
N TYR A 131 10.32 6.96 -28.60
CA TYR A 131 9.70 5.84 -27.91
C TYR A 131 10.03 4.52 -28.58
N LEU A 132 10.20 3.47 -27.77
CA LEU A 132 10.47 2.13 -28.25
C LEU A 132 9.41 1.11 -27.86
N SER A 133 8.96 1.12 -26.61
CA SER A 133 8.06 0.10 -26.07
C SER A 133 8.69 -1.29 -26.19
N GLU A 138 2.12 -6.47 -29.56
CA GLU A 138 1.66 -5.51 -30.55
C GLU A 138 1.23 -4.19 -29.91
N SER A 139 -0.02 -3.82 -30.15
CA SER A 139 -0.58 -2.55 -29.70
C SER A 139 -1.92 -2.76 -29.00
N LYS A 140 -2.44 -1.68 -28.42
CA LYS A 140 -3.78 -1.62 -27.83
C LYS A 140 -3.96 -2.67 -26.72
N SER A 141 -3.28 -2.48 -25.60
CA SER A 141 -3.32 -3.49 -24.54
C SER A 141 -4.05 -3.05 -23.28
N GLU A 142 -3.59 -2.00 -22.61
CA GLU A 142 -4.12 -1.66 -21.30
C GLU A 142 -4.67 -0.25 -21.19
N ASN A 143 -3.88 0.80 -21.45
CA ASN A 143 -4.15 2.11 -20.87
C ASN A 143 -4.51 3.15 -21.92
N LYS A 144 -5.23 4.17 -21.46
CA LYS A 144 -5.57 5.32 -22.30
C LYS A 144 -4.39 6.27 -22.47
N GLU A 145 -3.57 6.44 -21.44
CA GLU A 145 -2.35 7.23 -21.58
C GLU A 145 -1.45 6.65 -22.66
N LEU A 146 -1.16 5.35 -22.55
CA LEU A 146 -0.45 4.65 -23.61
C LEU A 146 -1.19 4.83 -24.92
N GLY A 147 -2.48 4.50 -24.94
CA GLY A 147 -3.33 4.70 -26.10
C GLY A 147 -3.09 6.02 -26.82
N ALA A 148 -3.08 7.13 -26.09
CA ALA A 148 -2.85 8.43 -26.72
C ALA A 148 -1.44 8.54 -27.27
N LEU A 149 -0.43 8.13 -26.48
CA LEU A 149 0.95 8.22 -26.95
C LEU A 149 1.16 7.38 -28.21
N LEU A 150 0.66 6.17 -28.19
CA LEU A 150 0.79 5.25 -29.32
C LEU A 150 0.02 5.74 -30.53
N SER A 151 -1.16 6.36 -30.32
CA SER A 151 -1.89 6.93 -31.44
C SER A 151 -1.09 8.05 -32.09
N GLY A 152 -0.49 8.94 -31.28
CA GLY A 152 0.34 9.98 -31.85
C GLY A 152 1.53 9.45 -32.60
N VAL A 153 2.21 8.46 -32.02
CA VAL A 153 3.40 7.89 -32.66
C VAL A 153 3.03 7.20 -33.96
N ASP A 154 1.92 6.44 -33.96
CA ASP A 154 1.49 5.73 -35.16
C ASP A 154 1.08 6.71 -36.25
N ASN A 155 0.37 7.79 -35.88
CA ASN A 155 -0.01 8.79 -36.88
C ASN A 155 1.24 9.46 -37.47
N ASN A 156 2.24 9.72 -36.63
CA ASN A 156 3.47 10.33 -37.14
C ASN A 156 4.21 9.37 -38.07
N HIS A 157 4.23 8.08 -37.72
CA HIS A 157 4.86 7.08 -38.60
C HIS A 157 4.12 6.99 -39.93
N LYS A 158 2.79 7.07 -39.90
CA LYS A 158 2.01 7.08 -41.13
C LYS A 158 2.34 8.31 -41.97
N LEU A 159 2.46 9.47 -41.31
CA LEU A 159 2.75 10.71 -42.04
C LEU A 159 4.14 10.68 -42.66
N LEU A 160 5.12 10.07 -41.98
CA LEU A 160 6.49 10.10 -42.46
C LEU A 160 6.67 9.39 -43.80
N GLN A 161 5.78 8.46 -44.15
CA GLN A 161 5.91 7.71 -45.39
C GLN A 161 5.27 8.44 -46.57
N GLN A 162 5.67 9.70 -46.73
CA GLN A 162 5.29 10.52 -47.87
C GLN A 162 6.53 11.26 -48.37
N ALA A 163 6.51 11.62 -49.65
CA ALA A 163 7.69 12.25 -50.25
C ALA A 163 7.99 13.61 -49.64
N THR A 164 6.98 14.30 -49.13
CA THR A 164 7.19 15.64 -48.58
C THR A 164 7.94 15.61 -47.26
N TYR A 165 7.86 14.52 -46.51
CA TYR A 165 8.56 14.37 -45.24
C TYR A 165 9.53 13.20 -45.34
N ARG A 166 10.79 13.51 -45.63
CA ARG A 166 11.82 12.48 -45.72
C ARG A 166 12.26 11.97 -44.36
N SER A 167 11.98 12.70 -43.28
CA SER A 167 12.46 12.37 -41.96
C SER A 167 11.61 13.13 -40.93
N PRO A 168 11.65 12.73 -39.66
CA PRO A 168 10.87 13.45 -38.64
C PRO A 168 11.17 14.92 -38.55
N ALA A 169 12.41 15.34 -38.81
CA ALA A 169 12.73 16.77 -38.78
C ALA A 169 11.97 17.52 -39.87
N GLU A 170 11.90 16.94 -41.08
CA GLU A 170 11.13 17.57 -42.15
C GLU A 170 9.65 17.62 -41.81
N LEU A 171 9.14 16.56 -41.18
CA LEU A 171 7.75 16.56 -40.74
C LEU A 171 7.50 17.67 -39.73
N ALA A 172 8.44 17.88 -38.80
CA ALA A 172 8.29 18.93 -37.80
C ALA A 172 8.34 20.32 -38.43
N VAL A 173 9.26 20.53 -39.37
CA VAL A 173 9.39 21.85 -39.99
C VAL A 173 8.36 22.09 -41.09
N LYS A 174 7.59 21.07 -41.46
CA LYS A 174 6.59 21.19 -42.52
C LYS A 174 5.16 21.07 -41.98
N LYS A 175 4.83 19.99 -41.29
CA LYS A 175 3.48 19.77 -40.79
C LYS A 175 3.26 20.37 -39.40
N PHE A 176 4.27 20.30 -38.53
CA PHE A 176 4.09 20.76 -37.16
C PHE A 176 4.10 22.27 -37.06
N GLU A 177 5.21 22.90 -37.46
CA GLU A 177 5.33 24.35 -37.29
C GLU A 177 4.85 25.11 -38.53
N VAL A 178 3.66 24.76 -39.01
CA VAL A 178 2.86 25.66 -39.84
C VAL A 178 1.40 25.67 -39.43
N GLU A 179 0.91 24.64 -38.74
CA GLU A 179 -0.48 24.52 -38.34
C GLU A 179 -0.68 24.67 -36.84
N GLU A 180 0.39 24.52 -36.05
CA GLU A 180 0.32 24.68 -34.61
C GLU A 180 1.21 25.80 -34.09
N GLY A 181 2.23 26.21 -34.84
CA GLY A 181 3.14 27.26 -34.40
C GLY A 181 4.24 26.81 -33.47
N HIS A 182 4.40 25.50 -33.26
CA HIS A 182 5.41 24.99 -32.34
C HIS A 182 5.84 23.60 -32.77
N ILE A 183 7.09 23.27 -32.46
CA ILE A 183 7.63 21.94 -32.75
C ILE A 183 7.32 20.96 -31.63
N ARG A 184 7.65 21.34 -30.40
CA ARG A 184 7.56 20.42 -29.27
C ARG A 184 6.10 20.17 -28.89
N ASN A 185 5.89 19.08 -28.15
CA ASN A 185 4.60 18.81 -27.57
C ASN A 185 4.25 19.89 -26.55
N GLN A 186 3.00 20.32 -26.57
CA GLN A 186 2.53 21.39 -25.69
C GLN A 186 1.51 20.83 -24.70
N GLN A 187 1.71 21.14 -23.42
CA GLN A 187 0.84 20.69 -22.35
C GLN A 187 0.70 19.16 -22.37
N GLY A 188 -0.51 18.66 -22.21
CA GLY A 188 -0.73 17.23 -22.25
C GLY A 188 -1.02 16.71 -23.65
N ALA A 189 -0.02 16.77 -24.53
CA ALA A 189 -0.19 16.34 -25.91
C ALA A 189 0.87 15.31 -26.27
N TYR A 190 0.48 14.35 -27.12
CA TYR A 190 1.41 13.35 -27.63
C TYR A 190 1.41 13.30 -29.15
N THR A 191 0.87 14.34 -29.80
CA THR A 191 0.77 14.34 -31.25
C THR A 191 2.12 14.53 -31.94
N HIS A 192 3.12 15.01 -31.22
CA HIS A 192 4.43 15.30 -31.79
C HIS A 192 5.50 14.29 -31.37
N THR A 193 5.10 13.21 -30.70
CA THR A 193 6.05 12.19 -30.28
C THR A 193 6.41 11.28 -31.45
N PHE A 194 7.68 10.93 -31.55
CA PHE A 194 8.19 10.13 -32.65
C PHE A 194 8.67 8.77 -32.14
N SER A 195 8.73 7.82 -33.07
CA SER A 195 9.24 6.49 -32.77
C SER A 195 10.77 6.52 -32.71
N ARG A 196 11.33 5.62 -31.90
CA ARG A 196 12.78 5.44 -31.87
C ARG A 196 13.29 4.95 -33.22
N LEU A 197 12.56 4.04 -33.86
CA LEU A 197 12.99 3.54 -35.17
C LEU A 197 12.95 4.65 -36.22
N ASP A 198 11.95 5.53 -36.17
CA ASP A 198 11.88 6.61 -37.14
C ASP A 198 13.07 7.56 -37.00
N LEU A 199 13.43 7.92 -35.75
CA LEU A 199 14.56 8.81 -35.57
C LEU A 199 15.89 8.11 -35.87
N LEU A 200 15.98 6.81 -35.61
CA LEU A 200 17.17 6.06 -36.02
C LEU A 200 17.31 6.05 -37.54
N ALA A 201 16.20 5.86 -38.25
CA ALA A 201 16.22 5.94 -39.70
C ALA A 201 16.61 7.33 -40.17
N GLU A 202 16.13 8.36 -39.47
CA GLU A 202 16.53 9.73 -39.79
C GLU A 202 18.04 9.90 -39.63
N MET A 203 18.60 9.38 -38.54
CA MET A 203 20.03 9.53 -38.31
C MET A 203 20.84 8.78 -39.36
N GLU A 204 20.39 7.57 -39.73
CA GLU A 204 21.06 6.82 -40.79
C GLU A 204 20.99 7.56 -42.11
N LEU A 205 19.83 8.15 -42.42
CA LEU A 205 19.68 8.90 -43.66
C LEU A 205 20.58 10.12 -43.68
N LEU A 206 20.67 10.84 -42.54
CA LEU A 206 21.57 11.99 -42.46
C LEU A 206 23.03 11.57 -42.63
N PHE A 207 23.43 10.47 -42.00
CA PHE A 207 24.80 9.99 -42.20
C PHE A 207 25.06 9.64 -43.66
N SER A 208 24.12 8.94 -44.30
CA SER A 208 24.30 8.55 -45.69
C SER A 208 24.39 9.77 -46.60
N ARG A 209 23.53 10.77 -46.36
CA ARG A 209 23.52 11.94 -47.23
C ARG A 209 24.72 12.83 -47.00
N GLN A 210 25.14 13.00 -45.73
CA GLN A 210 26.28 13.85 -45.43
C GLN A 210 27.59 13.19 -45.86
N GLN A 211 27.64 11.85 -45.82
CA GLN A 211 28.82 11.15 -46.33
C GLN A 211 29.10 11.52 -47.78
N HIS A 212 28.09 11.41 -48.63
CA HIS A 212 28.22 11.69 -50.05
C HIS A 212 28.38 13.18 -50.34
N PHE A 213 28.11 14.05 -49.38
CA PHE A 213 28.16 15.49 -49.58
C PHE A 213 29.45 16.13 -49.11
N GLY A 214 30.45 15.34 -48.73
CA GLY A 214 31.74 15.85 -48.36
C GLY A 214 31.99 16.05 -46.88
N ASN A 215 31.16 15.49 -46.01
CA ASN A 215 31.38 15.62 -44.58
C ASN A 215 32.46 14.66 -44.12
N PRO A 216 33.54 15.13 -43.49
CA PRO A 216 34.57 14.20 -43.01
C PRO A 216 34.12 13.35 -41.83
N PHE A 217 33.28 13.89 -40.95
CA PHE A 217 32.92 13.21 -39.70
C PHE A 217 31.59 12.47 -39.86
N ALA A 218 31.63 11.43 -40.69
CA ALA A 218 30.46 10.60 -40.93
C ALA A 218 30.88 9.13 -41.04
N SER A 219 31.72 8.70 -40.11
CA SER A 219 32.30 7.36 -40.16
C SER A 219 31.25 6.28 -39.92
N GLU A 220 31.54 5.08 -40.44
CA GLU A 220 30.70 3.92 -40.15
C GLU A 220 30.74 3.58 -38.67
N LYS A 221 31.92 3.61 -38.06
CA LYS A 221 32.03 3.34 -36.63
C LYS A 221 31.32 4.40 -35.81
N LEU A 222 31.39 5.66 -36.24
CA LEU A 222 30.65 6.72 -35.57
C LEU A 222 29.15 6.45 -35.63
N LEU A 223 28.65 6.04 -36.80
CA LEU A 223 27.25 5.69 -36.93
C LEU A 223 26.88 4.55 -36.00
N GLU A 224 27.72 3.51 -35.94
CA GLU A 224 27.44 2.37 -35.09
C GLU A 224 27.38 2.76 -33.62
N ASN A 225 28.34 3.58 -33.17
CA ASN A 225 28.38 4.00 -31.77
C ASN A 225 27.16 4.87 -31.44
N LEU A 226 26.77 5.74 -32.37
CA LEU A 226 25.60 6.59 -32.12
C LEU A 226 24.31 5.77 -32.10
N THR A 227 24.22 4.74 -32.94
CA THR A 227 23.08 3.82 -32.85
C THR A 227 23.08 3.11 -31.50
N ALA A 228 24.27 2.69 -31.04
CA ALA A 228 24.34 2.03 -29.73
C ALA A 228 23.86 2.95 -28.62
N LEU A 229 24.25 4.23 -28.68
CA LEU A 229 23.81 5.17 -27.65
C LEU A 229 22.31 5.45 -27.74
N LEU A 230 21.82 5.74 -28.95
CA LEU A 230 20.43 6.13 -29.12
C LEU A 230 19.46 4.96 -28.95
N MET A 231 19.96 3.72 -29.02
CA MET A 231 19.12 2.55 -28.89
C MET A 231 19.24 1.85 -27.54
N TRP A 232 20.29 2.13 -26.78
CA TRP A 232 20.52 1.39 -25.55
C TRP A 232 19.45 1.67 -24.51
N GLN A 233 19.10 0.64 -23.75
CA GLN A 233 18.17 0.72 -22.63
C GLN A 233 18.53 -0.39 -21.66
N LYS A 234 18.53 -0.06 -20.37
CA LYS A 234 18.93 -1.04 -19.37
C LYS A 234 17.92 -2.19 -19.33
N PRO A 235 18.36 -3.43 -19.39
CA PRO A 235 17.43 -4.56 -19.26
C PRO A 235 16.75 -4.56 -17.90
N ALA A 236 15.51 -5.05 -17.89
CA ALA A 236 14.73 -5.13 -16.65
C ALA A 236 15.36 -6.13 -15.67
N THR A 250 22.53 -28.08 3.72
CA THR A 250 22.78 -29.52 3.66
C THR A 250 23.49 -29.91 2.36
N PHE A 251 24.71 -29.42 2.17
CA PHE A 251 25.44 -29.68 0.93
C PHE A 251 26.93 -29.47 1.19
N GLU A 252 27.75 -29.98 0.26
CA GLU A 252 29.19 -29.85 0.39
C GLU A 252 29.67 -28.56 -0.28
N ASP A 253 30.97 -28.50 -0.55
CA ASP A 253 31.60 -27.31 -1.13
C ASP A 253 31.10 -27.00 -2.54
N GLU A 254 30.40 -27.93 -3.17
CA GLU A 254 29.92 -27.71 -4.54
C GLU A 254 28.99 -26.50 -4.59
N TYR A 255 29.10 -25.74 -5.67
CA TYR A 255 28.32 -24.52 -5.82
C TYR A 255 26.87 -24.85 -6.15
N LYS A 256 26.02 -23.83 -6.04
CA LYS A 256 24.61 -24.01 -6.34
C LYS A 256 24.37 -24.10 -7.84
N ALA A 257 23.21 -24.64 -8.20
CA ALA A 257 22.86 -24.87 -9.59
C ALA A 257 22.13 -23.68 -10.19
N ALA A 258 22.26 -23.54 -11.50
CA ALA A 258 21.56 -22.48 -12.21
C ALA A 258 20.06 -22.78 -12.28
N LYS A 259 19.25 -21.71 -12.19
CA LYS A 259 17.80 -21.89 -12.26
C LYS A 259 17.36 -22.43 -13.61
N ASN A 260 17.94 -21.90 -14.70
CA ASN A 260 17.54 -22.30 -16.04
C ASN A 260 18.39 -23.48 -16.51
N THR A 261 18.17 -24.61 -15.84
CA THR A 261 18.83 -25.86 -16.17
C THR A 261 17.80 -26.99 -16.12
N TYR A 262 18.14 -28.11 -16.74
CA TYR A 262 17.24 -29.27 -16.73
C TYR A 262 16.98 -29.74 -15.31
N SER A 263 18.05 -29.94 -14.53
CA SER A 263 17.91 -30.54 -13.20
C SER A 263 17.16 -29.62 -12.26
N ALA A 264 17.44 -28.32 -12.28
CA ALA A 264 16.77 -27.40 -11.36
C ALA A 264 15.29 -27.25 -11.70
N GLU A 265 14.96 -27.11 -12.99
CA GLU A 265 13.57 -27.02 -13.38
C GLU A 265 12.83 -28.31 -13.06
N ARG A 266 13.47 -29.45 -13.27
CA ARG A 266 12.88 -30.73 -12.89
C ARG A 266 12.63 -30.79 -11.39
N PHE A 267 13.59 -30.30 -10.60
CA PHE A 267 13.43 -30.24 -9.15
C PHE A 267 12.20 -29.42 -8.76
N VAL A 268 12.09 -28.22 -9.32
CA VAL A 268 10.97 -27.33 -8.98
C VAL A 268 9.64 -27.95 -9.41
N TRP A 269 9.61 -28.58 -10.58
CA TRP A 269 8.40 -29.27 -11.01
C TRP A 269 8.05 -30.41 -10.06
N ILE A 270 9.05 -31.14 -9.56
CA ILE A 270 8.78 -32.21 -8.61
C ILE A 270 8.18 -31.66 -7.33
N THR A 271 8.73 -30.56 -6.82
CA THR A 271 8.16 -29.96 -5.61
C THR A 271 6.73 -29.51 -5.83
N LYS A 272 6.45 -28.87 -6.98
CA LYS A 272 5.10 -28.40 -7.22
C LYS A 272 4.13 -29.58 -7.42
N LEU A 273 4.60 -30.66 -8.06
CA LEU A 273 3.73 -31.81 -8.29
C LEU A 273 3.44 -32.55 -7.00
N ASN A 274 4.40 -32.57 -6.06
CA ASN A 274 4.19 -33.20 -4.76
C ASN A 274 3.58 -32.27 -3.74
N ASN A 275 3.38 -31.00 -4.08
CA ASN A 275 2.68 -30.04 -3.21
C ASN A 275 1.26 -29.76 -3.70
N LEU A 276 0.66 -30.69 -4.43
CA LEU A 276 -0.66 -30.50 -5.02
C LEU A 276 -1.72 -31.12 -4.11
N ARG A 277 -2.74 -30.33 -3.77
CA ARG A 277 -3.86 -30.78 -2.96
C ARG A 277 -5.15 -30.36 -3.64
N ILE A 278 -6.07 -31.31 -3.80
CA ILE A 278 -7.38 -31.05 -4.40
C ILE A 278 -8.41 -30.97 -3.29
N GLN A 279 -9.16 -29.86 -3.24
CA GLN A 279 -10.17 -29.63 -2.23
C GLN A 279 -11.55 -29.79 -2.84
N GLU A 280 -12.32 -30.76 -2.33
CA GLU A 280 -13.68 -31.03 -2.79
C GLU A 280 -14.60 -31.03 -1.57
N ASN A 281 -15.08 -29.83 -1.20
CA ASN A 281 -16.01 -29.66 -0.08
C ASN A 281 -15.48 -30.29 1.20
N GLY A 282 -14.20 -30.09 1.48
CA GLY A 282 -13.54 -30.63 2.64
C GLY A 282 -12.79 -31.94 2.40
N LEU A 283 -13.03 -32.59 1.27
CA LEU A 283 -12.32 -33.82 0.92
C LEU A 283 -10.98 -33.47 0.27
N GLU A 284 -10.16 -32.75 1.02
CA GLU A 284 -8.85 -32.31 0.53
C GLU A 284 -7.88 -33.48 0.53
N ARG A 285 -7.44 -33.88 -0.66
CA ARG A 285 -6.63 -35.08 -0.81
C ARG A 285 -5.52 -34.85 -1.82
N ALA A 286 -4.46 -35.64 -1.71
CA ALA A 286 -3.38 -35.64 -2.68
C ALA A 286 -3.78 -36.48 -3.90
N LEU A 287 -2.99 -36.34 -4.97
CA LEU A 287 -3.28 -37.04 -6.21
C LEU A 287 -3.13 -38.54 -6.06
N ASN A 288 -3.99 -39.28 -6.73
CA ASN A 288 -3.79 -40.72 -6.88
C ASN A 288 -2.49 -40.98 -7.63
N ASP A 289 -1.72 -41.96 -7.16
CA ASP A 289 -0.41 -42.22 -7.75
C ASP A 289 -0.53 -42.64 -9.21
N ASN A 290 -1.66 -43.24 -9.60
CA ASN A 290 -1.90 -43.51 -11.01
C ASN A 290 -2.13 -42.22 -11.79
N GLU A 291 -2.77 -41.23 -11.16
CA GLU A 291 -3.04 -39.96 -11.84
C GLU A 291 -1.76 -39.14 -12.03
N ARG A 292 -0.77 -39.33 -11.15
CA ARG A 292 0.42 -38.50 -11.19
C ARG A 292 1.30 -38.79 -12.40
N LEU A 293 1.22 -40.00 -12.94
CA LEU A 293 2.04 -40.37 -14.09
C LEU A 293 1.68 -39.53 -15.32
N ALA A 294 0.38 -39.25 -15.50
CA ALA A 294 -0.04 -38.42 -16.62
C ALA A 294 0.53 -37.01 -16.52
N LEU A 295 0.52 -36.43 -15.32
CA LEU A 295 1.05 -35.10 -15.11
C LEU A 295 2.57 -35.05 -15.06
N MET A 296 3.23 -36.21 -14.93
CA MET A 296 4.69 -36.23 -14.79
C MET A 296 5.38 -35.37 -15.85
N GLU A 297 5.08 -35.60 -17.13
CA GLU A 297 5.70 -34.80 -18.19
C GLU A 297 4.62 -34.27 -19.13
N GLN A 298 3.92 -33.22 -18.69
CA GLN A 298 3.23 -32.27 -19.55
C GLN A 298 4.13 -31.11 -20.00
N PRO A 299 4.92 -30.48 -19.10
CA PRO A 299 5.65 -29.27 -19.51
C PRO A 299 6.63 -29.49 -20.65
N TYR A 300 7.06 -30.73 -20.91
CA TYR A 300 7.91 -30.98 -22.05
C TYR A 300 7.13 -30.89 -23.35
N ASP A 301 5.87 -31.35 -23.35
CA ASP A 301 5.03 -31.27 -24.53
C ASP A 301 4.46 -29.86 -24.71
N LYS A 302 3.95 -29.26 -23.64
CA LYS A 302 3.33 -27.94 -23.69
C LYS A 302 4.22 -26.93 -22.99
N ASN A 303 4.40 -25.77 -23.62
CA ASN A 303 5.34 -24.77 -23.10
C ASN A 303 4.91 -24.26 -21.73
N ARG A 304 3.62 -23.97 -21.55
CA ARG A 304 3.08 -23.49 -20.27
C ARG A 304 1.77 -24.23 -20.03
N LEU A 305 1.84 -25.36 -19.33
CA LEU A 305 0.62 -26.04 -18.92
C LEU A 305 -0.07 -25.23 -17.84
N PHE A 306 -1.37 -25.04 -17.97
CA PHE A 306 -2.14 -24.26 -17.01
C PHE A 306 -2.97 -25.18 -16.12
N TYR A 307 -3.66 -24.58 -15.15
CA TYR A 307 -4.54 -25.35 -14.30
C TYR A 307 -5.69 -25.98 -15.10
N SER A 308 -6.04 -25.36 -16.23
CA SER A 308 -6.98 -26.00 -17.15
C SER A 308 -6.43 -27.34 -17.62
N GLN A 309 -5.13 -27.40 -17.94
CA GLN A 309 -4.53 -28.64 -18.41
C GLN A 309 -4.57 -29.72 -17.34
N VAL A 310 -4.22 -29.38 -16.10
CA VAL A 310 -4.19 -30.40 -15.05
C VAL A 310 -5.59 -30.89 -14.73
N ARG A 311 -6.58 -29.99 -14.72
CA ARG A 311 -7.94 -30.45 -14.46
C ARG A 311 -8.48 -31.29 -15.62
N SER A 312 -8.15 -30.92 -16.86
CA SER A 312 -8.69 -31.65 -18.01
C SER A 312 -8.04 -33.03 -18.14
N ILE A 313 -6.72 -33.11 -17.98
CA ILE A 313 -6.03 -34.38 -18.14
C ILE A 313 -6.45 -35.38 -17.06
N LEU A 314 -6.50 -34.91 -15.81
CA LEU A 314 -6.87 -35.79 -14.69
C LEU A 314 -8.37 -36.05 -14.69
N LYS A 315 -8.81 -36.88 -13.75
CA LYS A 315 -10.23 -37.18 -13.55
C LYS A 315 -10.75 -36.30 -12.43
N LEU A 316 -11.15 -35.08 -12.78
CA LEU A 316 -11.67 -34.09 -11.85
C LEU A 316 -13.08 -33.67 -12.27
N SER A 317 -13.63 -32.72 -11.54
CA SER A 317 -14.99 -32.23 -11.80
C SER A 317 -15.09 -30.79 -11.34
N ASP A 318 -16.31 -30.24 -11.42
CA ASP A 318 -16.52 -28.82 -11.12
C ASP A 318 -16.26 -28.53 -9.64
N GLU A 319 -16.86 -29.30 -8.74
CA GLU A 319 -16.72 -29.06 -7.31
C GLU A 319 -15.38 -29.60 -6.82
N ALA A 320 -14.32 -29.03 -7.39
CA ALA A 320 -12.95 -29.42 -7.07
C ALA A 320 -12.03 -28.32 -7.58
N ILE A 321 -11.20 -27.78 -6.69
CA ILE A 321 -10.36 -26.63 -7.00
C ILE A 321 -9.04 -26.79 -6.26
N PHE A 322 -8.03 -26.07 -6.73
CA PHE A 322 -6.66 -26.21 -6.24
C PHE A 322 -6.36 -25.17 -5.18
N LYS A 323 -5.45 -25.51 -4.26
CA LYS A 323 -5.08 -24.60 -3.19
C LYS A 323 -4.37 -23.37 -3.76
N GLY A 324 -4.47 -22.26 -3.04
CA GLY A 324 -4.07 -21.00 -3.61
C GLY A 324 -5.07 -20.45 -4.61
N LEU A 325 -6.33 -20.87 -4.50
CA LEU A 325 -7.35 -20.53 -5.48
C LEU A 325 -7.60 -19.02 -5.52
N ARG A 326 -7.91 -18.53 -6.72
CA ARG A 326 -8.40 -17.16 -6.88
C ARG A 326 -9.92 -17.13 -6.76
N TYR A 327 -10.61 -17.85 -7.64
CA TYR A 327 -12.07 -18.01 -7.60
C TYR A 327 -12.82 -16.70 -7.40
N ASP A 331 -15.52 -24.15 -13.03
CA ASP A 331 -15.75 -22.84 -12.43
C ASP A 331 -15.39 -21.72 -13.40
N LYS A 332 -15.04 -20.56 -12.85
CA LYS A 332 -14.57 -19.44 -13.68
C LYS A 332 -13.26 -19.83 -14.33
N LYS A 333 -13.28 -20.02 -15.66
CA LYS A 333 -12.13 -20.59 -16.35
C LYS A 333 -10.90 -19.69 -16.24
N ALA A 334 -11.09 -18.37 -16.37
CA ALA A 334 -9.96 -17.44 -16.41
C ALA A 334 -9.09 -17.56 -15.17
N ILE A 335 -9.68 -17.87 -14.01
CA ILE A 335 -8.89 -18.08 -12.81
C ILE A 335 -8.01 -19.32 -12.96
N GLU A 336 -8.51 -20.34 -13.66
CA GLU A 336 -7.79 -21.61 -13.82
C GLU A 336 -7.18 -21.78 -15.20
N THR A 337 -7.80 -21.25 -16.26
CA THR A 337 -7.24 -21.37 -17.60
C THR A 337 -5.96 -20.54 -17.74
N LYS A 338 -5.86 -19.43 -17.02
CA LYS A 338 -4.73 -18.51 -17.12
C LYS A 338 -3.83 -18.57 -15.89
N ALA A 339 -3.58 -19.77 -15.38
CA ALA A 339 -2.70 -19.97 -14.23
C ALA A 339 -1.72 -21.09 -14.54
N VAL A 340 -0.43 -20.76 -14.64
CA VAL A 340 0.61 -21.70 -15.03
C VAL A 340 1.13 -22.40 -13.78
N LEU A 341 1.39 -23.72 -13.89
CA LEU A 341 2.00 -24.45 -12.78
C LEU A 341 3.51 -24.32 -12.80
N MET A 342 4.13 -24.90 -13.82
CA MET A 342 5.57 -24.84 -14.03
C MET A 342 5.86 -24.50 -15.47
N GLU A 343 6.68 -23.48 -15.68
CA GLU A 343 7.05 -23.06 -17.01
C GLU A 343 8.48 -23.52 -17.25
N MET A 344 8.64 -24.45 -18.19
CA MET A 344 9.96 -24.86 -18.65
C MET A 344 10.57 -23.72 -19.47
N LYS A 345 10.94 -22.63 -18.78
CA LYS A 345 11.49 -21.46 -19.46
C LYS A 345 12.72 -21.84 -20.28
N ALA A 346 13.69 -22.50 -19.65
CA ALA A 346 14.91 -22.90 -20.35
C ALA A 346 14.59 -23.93 -21.43
N TYR A 347 13.78 -24.94 -21.10
CA TYR A 347 13.53 -26.03 -22.04
C TYR A 347 12.92 -25.52 -23.33
N HIS A 348 11.82 -24.77 -23.24
CA HIS A 348 11.16 -24.32 -24.47
C HIS A 348 11.86 -23.13 -25.10
N GLN A 349 12.60 -22.33 -24.33
CA GLN A 349 13.44 -21.31 -24.95
C GLN A 349 14.49 -21.95 -25.84
N ILE A 350 15.17 -22.99 -25.33
CA ILE A 350 16.15 -23.71 -26.13
C ILE A 350 15.48 -24.43 -27.29
N ARG A 351 14.27 -24.96 -27.07
CA ARG A 351 13.54 -25.61 -28.16
C ARG A 351 13.30 -24.64 -29.31
N LYS A 352 12.77 -23.45 -28.98
CA LYS A 352 12.47 -22.48 -30.03
C LYS A 352 13.74 -21.98 -30.72
N VAL A 353 14.82 -21.76 -29.95
CA VAL A 353 16.01 -21.23 -30.62
C VAL A 353 16.66 -22.29 -31.49
N LEU A 354 16.59 -23.57 -31.10
CA LEU A 354 17.16 -24.64 -31.92
C LEU A 354 16.29 -24.97 -33.13
N GLU A 355 14.98 -24.78 -33.04
CA GLU A 355 14.07 -25.08 -34.15
C GLU A 355 14.00 -23.94 -35.16
N GLY A 356 13.99 -22.69 -34.70
CA GLY A 356 13.88 -21.57 -35.63
C GLY A 356 15.07 -21.45 -36.56
N ASN A 357 16.28 -21.58 -36.01
CA ASN A 357 17.49 -21.47 -36.80
C ASN A 357 17.96 -22.84 -37.28
N ALA A 364 21.48 -29.52 -34.02
CA ALA A 364 20.80 -30.71 -33.53
C ALA A 364 19.30 -30.48 -33.42
N GLU A 365 18.60 -31.43 -32.83
CA GLU A 365 17.16 -31.35 -32.60
C GLU A 365 16.88 -31.16 -31.12
N LEU A 366 15.59 -30.95 -30.80
CA LEU A 366 15.20 -30.78 -29.41
C LEU A 366 15.49 -32.01 -28.58
N LYS A 367 15.62 -33.18 -29.20
CA LYS A 367 15.96 -34.40 -28.47
C LYS A 367 17.36 -34.23 -27.90
N ALA A 368 17.45 -33.98 -26.59
CA ALA A 368 18.70 -33.73 -25.92
C ALA A 368 18.77 -34.53 -24.63
N ASN A 369 20.00 -34.82 -24.20
CA ASN A 369 20.18 -35.61 -22.98
C ASN A 369 20.40 -34.68 -21.80
N PRO A 370 19.58 -34.83 -20.73
CA PRO A 370 19.70 -34.00 -19.53
C PRO A 370 21.08 -33.51 -19.15
N THR A 371 22.07 -34.43 -19.19
CA THR A 371 23.41 -34.08 -18.74
C THR A 371 24.04 -33.01 -19.62
N LEU A 372 23.52 -32.79 -20.83
CA LEU A 372 23.98 -31.70 -21.69
C LEU A 372 23.17 -30.43 -21.47
N LEU A 373 21.87 -30.57 -21.19
CA LEU A 373 21.04 -29.42 -20.89
C LEU A 373 21.54 -28.69 -19.64
N ASP A 374 21.95 -29.45 -18.62
CA ASP A 374 22.48 -28.82 -17.42
C ASP A 374 23.75 -28.02 -17.73
N GLU A 375 24.65 -28.58 -18.54
CA GLU A 375 25.86 -27.85 -18.90
C GLU A 375 25.54 -26.59 -19.71
N ILE A 376 24.56 -26.67 -20.61
CA ILE A 376 24.17 -25.49 -21.38
C ILE A 376 23.65 -24.40 -20.45
N GLY A 377 22.78 -24.79 -19.50
CA GLY A 377 22.24 -23.81 -18.57
C GLY A 377 23.32 -23.19 -17.70
N THR A 378 24.24 -24.01 -17.18
CA THR A 378 25.34 -23.46 -16.39
C THR A 378 26.24 -22.57 -17.23
N ALA A 379 26.47 -22.92 -18.50
CA ALA A 379 27.31 -22.11 -19.36
C ALA A 379 26.69 -20.73 -19.59
N PHE A 380 25.37 -20.67 -19.79
CA PHE A 380 24.74 -19.38 -20.02
C PHE A 380 24.37 -18.65 -18.74
N SER A 381 24.48 -19.29 -17.58
CA SER A 381 24.23 -18.60 -16.31
C SER A 381 25.51 -18.11 -15.64
N LEU A 382 26.59 -18.90 -15.69
CA LEU A 382 27.86 -18.46 -15.12
C LEU A 382 28.55 -17.44 -16.03
N TYR A 383 28.52 -17.64 -17.34
CA TYR A 383 29.28 -16.84 -18.27
C TYR A 383 28.33 -16.21 -19.29
N LYS A 384 28.62 -14.97 -19.68
CA LYS A 384 27.77 -14.23 -20.61
C LYS A 384 28.47 -13.83 -21.90
N THR A 385 29.80 -13.94 -21.97
CA THR A 385 30.50 -13.67 -23.21
C THR A 385 30.52 -14.92 -24.09
N ASP A 386 30.70 -14.70 -25.39
CA ASP A 386 30.71 -15.81 -26.34
C ASP A 386 31.88 -16.75 -26.06
N GLU A 387 33.07 -16.19 -25.81
CA GLU A 387 34.28 -16.99 -25.73
C GLU A 387 34.27 -17.93 -24.53
N ASP A 388 33.86 -17.44 -23.36
CA ASP A 388 33.90 -18.26 -22.17
C ASP A 388 32.95 -19.45 -22.27
N ILE A 389 31.72 -19.21 -22.71
CA ILE A 389 30.76 -20.30 -22.85
C ILE A 389 31.12 -21.22 -24.00
N SER A 390 31.79 -20.70 -25.04
CA SER A 390 32.28 -21.57 -26.10
C SER A 390 33.38 -22.50 -25.59
N ALA A 391 34.30 -21.97 -24.79
CA ALA A 391 35.37 -22.80 -24.24
C ALA A 391 34.84 -23.81 -23.22
N TYR A 392 33.81 -23.44 -22.46
CA TYR A 392 33.28 -24.36 -21.46
C TYR A 392 32.47 -25.49 -22.10
N LEU A 393 31.95 -25.27 -23.30
CA LEU A 393 31.08 -26.24 -23.98
C LEU A 393 31.61 -26.58 -25.37
N ALA A 394 32.92 -26.52 -25.57
CA ALA A 394 33.50 -26.79 -26.88
C ALA A 394 33.32 -28.25 -27.27
N GLY A 395 33.48 -29.17 -26.32
CA GLY A 395 33.49 -30.59 -26.65
C GLY A 395 32.12 -31.13 -27.02
N LYS A 396 31.13 -30.94 -26.15
CA LYS A 396 29.84 -31.62 -26.27
C LYS A 396 28.77 -30.77 -26.96
N LEU A 397 29.16 -29.94 -27.92
CA LEU A 397 28.20 -29.14 -28.65
C LEU A 397 28.72 -28.88 -30.05
N SER A 398 27.85 -29.07 -31.05
CA SER A 398 28.20 -28.79 -32.44
C SER A 398 28.07 -27.30 -32.73
N GLN A 399 28.82 -26.86 -33.74
CA GLN A 399 28.87 -25.43 -34.06
C GLN A 399 27.52 -24.81 -34.43
N PRO A 400 26.66 -25.43 -35.26
CA PRO A 400 25.34 -24.80 -35.49
C PRO A 400 24.51 -24.65 -34.23
N VAL A 401 24.61 -25.61 -33.31
CA VAL A 401 23.95 -25.46 -32.01
C VAL A 401 24.55 -24.28 -31.25
N LEU A 402 25.88 -24.11 -31.36
CA LEU A 402 26.52 -22.94 -30.75
C LEU A 402 25.93 -21.66 -31.32
N ASN A 403 25.76 -21.58 -32.64
CA ASN A 403 25.19 -20.38 -33.25
C ASN A 403 23.78 -20.14 -32.73
N ALA A 404 22.94 -21.19 -32.73
CA ALA A 404 21.56 -21.04 -32.33
C ALA A 404 21.43 -20.60 -30.87
N LEU A 405 22.25 -21.18 -29.99
CA LEU A 405 22.17 -20.81 -28.58
C LEU A 405 22.79 -19.44 -28.33
N LEU A 406 23.92 -19.15 -28.97
CA LEU A 406 24.62 -17.88 -28.74
C LEU A 406 23.76 -16.70 -29.20
N GLU A 407 23.07 -16.84 -30.33
CA GLU A 407 22.37 -15.70 -30.88
C GLU A 407 21.15 -15.31 -30.06
N ASN A 408 20.50 -16.27 -29.39
CA ASN A 408 19.16 -16.00 -28.88
C ASN A 408 18.91 -16.58 -27.49
N LEU A 409 19.91 -16.61 -26.60
CA LEU A 409 19.71 -17.13 -25.26
C LEU A 409 20.24 -16.18 -24.21
N SER A 410 19.61 -16.22 -23.03
CA SER A 410 20.03 -15.43 -21.88
C SER A 410 19.44 -16.04 -20.61
N PHE A 411 20.31 -16.51 -19.71
CA PHE A 411 19.88 -17.13 -18.47
C PHE A 411 20.39 -16.28 -17.31
N ASP A 412 19.59 -16.16 -16.25
CA ASP A 412 19.80 -15.13 -15.25
C ASP A 412 20.16 -15.66 -13.86
N LYS A 413 19.29 -16.44 -13.23
CA LYS A 413 19.36 -16.67 -11.79
C LYS A 413 19.78 -18.11 -11.48
N PHE A 414 19.92 -18.37 -10.18
CA PHE A 414 20.44 -19.63 -9.65
C PHE A 414 19.51 -20.16 -8.56
N ILE A 415 19.69 -21.42 -8.23
CA ILE A 415 18.95 -22.08 -7.18
C ILE A 415 19.80 -22.11 -5.92
N GLN A 416 19.20 -22.47 -4.78
CA GLN A 416 19.91 -22.58 -3.51
C GLN A 416 20.25 -24.02 -3.16
N LEU A 417 20.56 -24.86 -4.15
CA LEU A 417 20.89 -26.26 -3.92
C LEU A 417 22.03 -26.67 -4.85
N SER A 418 22.99 -27.40 -4.31
CA SER A 418 24.20 -27.73 -5.05
C SER A 418 23.91 -28.74 -6.17
N LEU A 419 24.84 -28.81 -7.12
CA LEU A 419 24.67 -29.70 -8.27
C LEU A 419 24.61 -31.16 -7.84
N LYS A 420 25.58 -31.60 -7.03
CA LYS A 420 25.66 -33.00 -6.66
C LYS A 420 24.46 -33.45 -5.85
N ALA A 421 23.85 -32.53 -5.09
CA ALA A 421 22.67 -32.89 -4.30
C ALA A 421 21.49 -33.24 -5.20
N LEU A 422 21.32 -32.53 -6.31
CA LEU A 422 20.14 -32.72 -7.16
C LEU A 422 20.13 -34.09 -7.81
N TYR A 423 21.26 -34.56 -8.33
CA TYR A 423 21.30 -35.83 -9.04
C TYR A 423 20.97 -37.00 -8.12
N LYS A 424 21.07 -36.83 -6.81
CA LYS A 424 20.63 -37.87 -5.88
C LYS A 424 19.21 -37.63 -5.38
N LEU A 425 18.84 -36.38 -5.11
CA LEU A 425 17.52 -36.11 -4.54
C LEU A 425 16.40 -36.29 -5.56
N LEU A 426 16.68 -36.06 -6.85
CA LEU A 426 15.63 -36.15 -7.86
C LEU A 426 15.06 -37.57 -8.00
N PRO A 427 15.86 -38.63 -8.11
CA PRO A 427 15.26 -39.97 -8.26
C PRO A 427 14.43 -40.41 -7.07
N LEU A 428 14.61 -39.80 -5.90
CA LEU A 428 13.81 -40.15 -4.73
C LEU A 428 12.47 -39.43 -4.70
N MET A 429 12.44 -38.14 -4.99
CA MET A 429 11.19 -37.39 -4.97
C MET A 429 10.32 -37.68 -6.19
N GLN A 430 10.88 -38.26 -7.25
CA GLN A 430 10.08 -38.71 -8.37
C GLN A 430 9.20 -39.90 -8.01
N GLN A 431 9.50 -40.57 -6.90
CA GLN A 431 8.70 -41.69 -6.40
C GLN A 431 7.65 -41.26 -5.39
N GLY A 432 7.48 -39.95 -5.17
CA GLY A 432 6.49 -39.46 -4.23
C GLY A 432 7.02 -39.17 -2.84
N LEU A 433 8.10 -38.40 -2.77
CA LEU A 433 8.70 -37.99 -1.51
C LEU A 433 8.51 -36.48 -1.31
N ARG A 434 8.99 -36.00 -0.16
CA ARG A 434 8.96 -34.59 0.18
C ARG A 434 10.39 -34.09 0.34
N TYR A 435 10.54 -32.77 0.46
CA TYR A 435 11.86 -32.17 0.52
C TYR A 435 12.61 -32.61 1.77
N ASP A 436 12.03 -32.36 2.95
CA ASP A 436 12.73 -32.66 4.19
C ASP A 436 12.87 -34.16 4.39
N GLU A 437 11.89 -34.95 3.96
CA GLU A 437 11.98 -36.41 4.13
C GLU A 437 13.11 -36.99 3.30
N ALA A 438 13.21 -36.60 2.03
CA ALA A 438 14.31 -37.07 1.19
C ALA A 438 15.65 -36.54 1.71
N CYS A 439 15.67 -35.29 2.17
CA CYS A 439 16.90 -34.73 2.73
C CYS A 439 17.35 -35.51 3.96
N ARG A 440 16.41 -35.90 4.82
CA ARG A 440 16.74 -36.71 5.99
C ARG A 440 17.19 -38.10 5.58
N GLU A 441 16.62 -38.66 4.51
CA GLU A 441 17.10 -39.94 4.02
C GLU A 441 18.55 -39.84 3.55
N ILE A 442 18.90 -38.73 2.87
CA ILE A 442 20.27 -38.57 2.39
C ILE A 442 21.17 -38.01 3.49
N TYR A 443 20.70 -36.99 4.22
CA TYR A 443 21.41 -36.43 5.37
C TYR A 443 20.49 -36.48 6.58
N GLY A 444 20.68 -37.48 7.43
CA GLY A 444 19.79 -37.65 8.58
C GLY A 444 19.85 -36.49 9.54
N ASP A 445 21.06 -36.05 9.88
CA ASP A 445 21.25 -34.96 10.84
C ASP A 445 20.90 -33.61 10.22
N ASN A 454 11.18 -16.82 22.64
CA ASN A 454 10.80 -16.96 21.24
C ASN A 454 9.30 -17.11 21.08
N HIS A 455 8.63 -17.48 22.18
CA HIS A 455 7.19 -17.68 22.19
C HIS A 455 6.45 -16.76 23.13
N HIS A 456 7.13 -16.16 24.12
CA HIS A 456 6.45 -15.40 25.16
C HIS A 456 5.74 -14.19 24.57
N PHE A 457 6.33 -13.57 23.56
CA PHE A 457 5.79 -12.38 22.94
C PHE A 457 5.34 -12.68 21.52
N LEU A 458 4.67 -11.72 20.91
CA LEU A 458 4.20 -11.94 19.54
C LEU A 458 5.28 -11.57 18.54
N PRO A 459 5.66 -12.47 17.63
CA PRO A 459 6.61 -12.13 16.58
C PRO A 459 6.03 -11.08 15.64
N GLN A 460 6.90 -10.53 14.79
CA GLN A 460 6.47 -9.49 13.88
C GLN A 460 5.52 -10.04 12.83
N ILE A 461 4.67 -9.17 12.31
CA ILE A 461 3.61 -9.59 11.40
C ILE A 461 4.22 -10.14 10.12
N PRO A 462 3.76 -11.30 9.62
CA PRO A 462 4.28 -11.84 8.37
C PRO A 462 3.81 -11.06 7.16
N ALA A 463 4.55 -10.00 6.81
CA ALA A 463 4.09 -9.05 5.80
C ALA A 463 3.82 -9.69 4.45
N ASP A 464 4.39 -10.86 4.18
CA ASP A 464 4.13 -11.54 2.91
C ASP A 464 2.69 -12.06 2.85
N GLU A 465 2.07 -12.34 4.00
CA GLU A 465 0.69 -12.81 4.03
C GLU A 465 -0.32 -11.68 4.06
N ILE A 466 0.12 -10.42 4.06
CA ILE A 466 -0.78 -9.28 4.16
C ILE A 466 -0.34 -8.24 3.15
N ARG A 467 -1.13 -8.07 2.08
CA ARG A 467 -0.85 -7.03 1.10
C ARG A 467 -1.15 -5.64 1.63
N ASN A 468 -2.24 -5.50 2.38
CA ASN A 468 -2.73 -4.18 2.78
C ASN A 468 -1.75 -3.48 3.71
N PRO A 469 -1.21 -2.31 3.35
CA PRO A 469 -0.43 -1.53 4.31
C PRO A 469 -1.24 -1.07 5.50
N VAL A 470 -2.52 -0.75 5.29
CA VAL A 470 -3.36 -0.29 6.40
C VAL A 470 -3.58 -1.42 7.40
N VAL A 471 -3.94 -2.61 6.91
CA VAL A 471 -4.10 -3.75 7.79
C VAL A 471 -2.77 -4.14 8.41
N LEU A 472 -1.68 -3.99 7.66
CA LEU A 472 -0.36 -4.29 8.21
C LEU A 472 -0.05 -3.39 9.40
N ARG A 473 -0.32 -2.09 9.28
CA ARG A 473 -0.07 -1.18 10.39
C ARG A 473 -1.02 -1.45 11.55
N THR A 474 -2.29 -1.75 11.25
CA THR A 474 -3.23 -2.07 12.31
C THR A 474 -2.76 -3.27 13.12
N LEU A 475 -2.31 -4.32 12.43
CA LEU A 475 -1.85 -5.52 13.14
C LEU A 475 -0.50 -5.30 13.80
N THR A 476 0.35 -4.45 13.23
CA THR A 476 1.60 -4.10 13.90
C THR A 476 1.35 -3.40 15.23
N GLN A 477 0.42 -2.42 15.22
CA GLN A 477 0.09 -1.73 16.46
C GLN A 477 -0.62 -2.67 17.44
N ALA A 478 -1.45 -3.58 16.93
CA ALA A 478 -2.05 -4.59 17.80
C ALA A 478 -0.98 -5.47 18.44
N ARG A 479 0.03 -5.86 17.67
CA ARG A 479 1.12 -6.66 18.20
C ARG A 479 1.88 -5.89 19.28
N LYS A 480 2.13 -4.60 19.05
CA LYS A 480 2.79 -3.78 20.06
C LYS A 480 1.96 -3.70 21.33
N VAL A 481 0.64 -3.51 21.18
CA VAL A 481 -0.24 -3.43 22.35
C VAL A 481 -0.24 -4.74 23.12
N ILE A 482 -0.31 -5.87 22.40
CA ILE A 482 -0.31 -7.17 23.04
C ILE A 482 0.99 -7.40 23.80
N ASN A 483 2.12 -7.03 23.19
CA ASN A 483 3.40 -7.19 23.87
C ASN A 483 3.46 -6.33 25.13
N GLY A 484 2.99 -5.09 25.04
CA GLY A 484 2.97 -4.24 26.23
C GLY A 484 2.11 -4.81 27.35
N VAL A 485 0.93 -5.32 26.99
CA VAL A 485 0.05 -5.91 28.00
C VAL A 485 0.68 -7.14 28.61
N VAL A 486 1.32 -7.99 27.80
CA VAL A 486 1.97 -9.18 28.34
C VAL A 486 3.11 -8.79 29.27
N ARG A 487 3.88 -7.76 28.91
CA ARG A 487 4.95 -7.29 29.78
C ARG A 487 4.41 -6.73 31.09
N LEU A 488 3.22 -6.12 31.07
CA LEU A 488 2.66 -5.53 32.27
C LEU A 488 1.92 -6.53 33.17
N TYR A 489 1.30 -7.57 32.60
CA TYR A 489 0.50 -8.50 33.39
C TYR A 489 0.84 -9.97 33.19
N GLY A 490 1.57 -10.33 32.13
CA GLY A 490 1.90 -11.72 31.88
C GLY A 490 1.11 -12.32 30.73
N SER A 491 1.19 -13.64 30.63
CA SER A 491 0.52 -14.35 29.55
C SER A 491 -0.99 -14.32 29.75
N PRO A 492 -1.75 -13.97 28.72
CA PRO A 492 -3.22 -13.98 28.84
C PRO A 492 -3.79 -15.38 28.65
N ALA A 493 -4.90 -15.64 29.34
CA ALA A 493 -5.60 -16.92 29.18
C ALA A 493 -6.21 -17.02 27.79
N ARG A 494 -6.87 -15.95 27.33
CA ARG A 494 -7.45 -15.90 25.99
C ARG A 494 -7.27 -14.49 25.43
N ILE A 495 -7.27 -14.42 24.11
CA ILE A 495 -7.36 -13.15 23.39
C ILE A 495 -8.64 -13.17 22.57
N HIS A 496 -9.52 -12.23 22.84
CA HIS A 496 -10.76 -12.05 22.10
C HIS A 496 -10.62 -10.81 21.22
N ILE A 497 -11.11 -10.88 19.99
CA ILE A 497 -10.84 -9.88 18.98
C ILE A 497 -12.15 -9.38 18.38
N GLU A 498 -12.26 -8.07 18.23
CA GLU A 498 -13.38 -7.41 17.56
C GLU A 498 -12.78 -6.59 16.42
N THR A 499 -12.93 -7.08 15.19
CA THR A 499 -12.41 -6.41 14.02
C THR A 499 -13.45 -5.45 13.46
N GLY A 500 -13.04 -4.21 13.23
CA GLY A 500 -13.95 -3.24 12.64
C GLY A 500 -14.36 -3.66 11.24
N ARG A 501 -15.55 -3.20 10.83
CA ARG A 501 -16.07 -3.58 9.53
C ARG A 501 -15.20 -3.05 8.39
N GLU A 502 -14.51 -1.94 8.61
CA GLU A 502 -13.73 -1.32 7.56
C GLU A 502 -12.28 -1.81 7.51
N VAL A 503 -11.88 -2.73 8.38
CA VAL A 503 -10.53 -3.30 8.31
C VAL A 503 -10.55 -4.45 7.31
N GLY A 504 -9.47 -4.56 6.54
CA GLY A 504 -9.40 -5.58 5.51
C GLY A 504 -10.15 -5.27 4.24
N LYS A 505 -10.33 -3.99 3.92
CA LYS A 505 -11.05 -3.58 2.73
C LYS A 505 -10.22 -2.58 1.93
N SER A 506 -10.53 -2.49 0.64
CA SER A 506 -9.91 -1.50 -0.22
C SER A 506 -10.46 -0.11 0.08
N TYR A 507 -9.82 0.90 -0.50
CA TYR A 507 -10.28 2.28 -0.30
C TYR A 507 -11.70 2.47 -0.82
N LYS A 508 -11.96 2.03 -2.05
CA LYS A 508 -13.28 2.24 -2.65
C LYS A 508 -14.37 1.49 -1.89
N ASP A 509 -14.05 0.30 -1.37
CA ASP A 509 -15.04 -0.46 -0.60
C ASP A 509 -15.46 0.30 0.65
N ARG A 510 -14.47 0.85 1.38
CA ARG A 510 -14.79 1.64 2.56
C ARG A 510 -15.51 2.93 2.21
N ARG A 511 -15.17 3.54 1.06
CA ARG A 511 -15.85 4.77 0.69
C ARG A 511 -17.31 4.50 0.34
N GLU A 512 -17.59 3.41 -0.37
CA GLU A 512 -18.98 3.03 -0.63
C GLU A 512 -19.69 2.62 0.65
N LEU A 513 -18.97 2.01 1.59
CA LEU A 513 -19.55 1.73 2.90
C LEU A 513 -19.96 3.01 3.60
N GLU A 514 -19.12 4.05 3.50
CA GLU A 514 -19.49 5.37 4.02
C GLU A 514 -20.73 5.92 3.33
N LYS A 515 -20.80 5.77 2.01
CA LYS A 515 -21.95 6.23 1.24
C LYS A 515 -23.24 5.60 1.76
N ARG A 516 -23.25 4.27 1.87
CA ARG A 516 -24.46 3.60 2.33
C ARG A 516 -24.69 3.77 3.83
N GLN A 517 -23.65 4.10 4.60
CA GLN A 517 -23.84 4.51 5.99
C GLN A 517 -24.65 5.79 6.07
N GLU A 518 -24.30 6.78 5.25
CA GLU A 518 -25.10 8.00 5.22
C GLU A 518 -26.49 7.74 4.65
N GLU A 519 -26.60 6.83 3.68
CA GLU A 519 -27.91 6.41 3.21
C GLU A 519 -28.76 5.89 4.37
N ASN A 520 -28.19 5.01 5.19
CA ASN A 520 -28.91 4.48 6.35
C ASN A 520 -29.22 5.57 7.37
N ARG A 521 -28.33 6.55 7.52
CA ARG A 521 -28.58 7.65 8.45
C ARG A 521 -29.80 8.45 8.03
N LYS A 522 -29.84 8.88 6.77
CA LYS A 522 -31.00 9.62 6.30
C LYS A 522 -32.25 8.75 6.34
N GLN A 523 -32.11 7.46 6.04
CA GLN A 523 -33.25 6.55 6.10
C GLN A 523 -33.81 6.43 7.50
N ARG A 524 -32.94 6.32 8.52
CA ARG A 524 -33.44 6.16 9.87
C ARG A 524 -34.07 7.46 10.39
N GLU A 525 -33.49 8.62 10.04
CA GLU A 525 -34.12 9.86 10.50
C GLU A 525 -35.45 10.09 9.78
N ASN A 526 -35.53 9.73 8.51
CA ASN A 526 -36.82 9.80 7.82
C ASN A 526 -37.82 8.82 8.39
N ALA A 527 -37.34 7.64 8.82
CA ALA A 527 -38.22 6.67 9.46
C ALA A 527 -38.75 7.18 10.79
N ILE A 528 -37.90 7.88 11.56
CA ILE A 528 -38.37 8.53 12.78
C ILE A 528 -39.44 9.57 12.45
N LYS A 529 -39.23 10.35 11.39
CA LYS A 529 -40.24 11.32 10.99
C LYS A 529 -41.56 10.63 10.61
N GLU A 530 -41.48 9.53 9.88
CA GLU A 530 -42.70 8.80 9.50
C GLU A 530 -43.39 8.21 10.72
N PHE A 531 -42.62 7.70 11.67
CA PHE A 531 -43.19 7.19 12.91
C PHE A 531 -43.92 8.30 13.66
N LYS A 532 -43.31 9.48 13.73
CA LYS A 532 -43.98 10.62 14.37
C LYS A 532 -45.25 11.01 13.62
N GLU A 533 -45.25 10.87 12.30
CA GLU A 533 -46.47 11.10 11.52
C GLU A 533 -47.57 10.11 11.91
N TYR A 534 -47.22 8.83 12.02
CA TYR A 534 -48.22 7.80 12.27
C TYR A 534 -48.65 7.74 13.74
N PHE A 535 -47.82 8.21 14.66
CA PHE A 535 -48.17 8.31 16.08
C PHE A 535 -47.89 9.74 16.54
N PRO A 536 -48.75 10.69 16.17
CA PRO A 536 -48.47 12.10 16.49
C PRO A 536 -48.39 12.39 17.98
N HIS A 537 -49.16 11.69 18.81
CA HIS A 537 -49.24 11.99 20.24
C HIS A 537 -48.13 11.33 21.06
N PHE A 538 -47.01 10.96 20.44
CA PHE A 538 -45.93 10.31 21.17
C PHE A 538 -45.23 11.31 22.08
N ALA A 539 -44.36 10.78 22.95
CA ALA A 539 -43.69 11.56 23.98
C ALA A 539 -42.22 11.82 23.64
N GLY A 540 -41.92 12.06 22.37
CA GLY A 540 -40.58 12.45 21.98
C GLY A 540 -39.86 11.47 21.09
N GLU A 541 -38.58 11.22 21.39
CA GLU A 541 -37.75 10.37 20.56
C GLU A 541 -38.14 8.91 20.72
N PRO A 542 -38.36 8.18 19.63
CA PRO A 542 -38.73 6.76 19.73
C PRO A 542 -37.58 5.91 20.23
N LYS A 543 -37.96 4.78 20.82
CA LYS A 543 -36.99 3.73 21.11
C LYS A 543 -36.71 2.92 19.85
N ALA A 544 -35.61 2.16 19.88
CA ALA A 544 -35.22 1.38 18.71
C ALA A 544 -36.24 0.32 18.37
N LYS A 545 -36.96 -0.21 19.37
CA LYS A 545 -37.94 -1.25 19.11
C LYS A 545 -39.12 -0.74 18.31
N ASP A 546 -39.53 0.51 18.54
CA ASP A 546 -40.75 1.02 17.93
C ASP A 546 -40.60 1.22 16.43
N ILE A 547 -39.43 1.68 15.98
CA ILE A 547 -39.22 1.87 14.55
C ILE A 547 -39.29 0.54 13.82
N LEU A 548 -38.66 -0.50 14.38
CA LEU A 548 -38.74 -1.81 13.77
C LEU A 548 -40.15 -2.39 13.86
N LYS A 549 -40.89 -2.07 14.93
CA LYS A 549 -42.28 -2.49 15.01
C LYS A 549 -43.09 -1.90 13.87
N MET A 550 -42.89 -0.60 13.60
CA MET A 550 -43.59 0.04 12.47
C MET A 550 -43.16 -0.57 11.14
N ARG A 551 -41.87 -0.83 10.98
CA ARG A 551 -41.37 -1.41 9.74
C ARG A 551 -41.99 -2.79 9.49
N LEU A 552 -42.04 -3.63 10.54
CA LEU A 552 -42.66 -4.94 10.40
C LEU A 552 -44.15 -4.83 10.16
N TYR A 553 -44.83 -3.91 10.84
CA TYR A 553 -46.24 -3.65 10.56
C TYR A 553 -46.46 -3.35 9.09
N LYS A 554 -45.59 -2.53 8.51
CA LYS A 554 -45.70 -2.22 7.08
C LYS A 554 -45.43 -3.45 6.23
N GLN A 555 -44.38 -4.21 6.55
CA GLN A 555 -43.92 -5.27 5.66
C GLN A 555 -44.81 -6.51 5.68
N GLN A 556 -45.42 -6.85 6.82
CA GLN A 556 -46.35 -7.96 6.86
C GLN A 556 -47.79 -7.54 6.53
N ASN A 557 -47.99 -6.28 6.15
CA ASN A 557 -49.28 -5.78 5.68
C ASN A 557 -50.34 -5.83 6.78
N ALA A 558 -49.97 -5.32 7.96
CA ALA A 558 -50.90 -5.13 9.08
C ALA A 558 -51.57 -6.44 9.50
N LYS A 559 -50.88 -7.56 9.33
CA LYS A 559 -51.39 -8.86 9.76
C LYS A 559 -50.24 -9.66 10.36
N CYS A 560 -50.55 -10.41 11.41
CA CYS A 560 -49.55 -11.31 11.98
C CYS A 560 -49.33 -12.51 11.07
N LEU A 561 -48.10 -13.03 11.09
CA LEU A 561 -47.75 -14.12 10.19
C LEU A 561 -48.30 -15.46 10.68
N TYR A 562 -48.02 -15.80 11.94
CA TYR A 562 -48.35 -17.13 12.44
C TYR A 562 -49.86 -17.38 12.40
N SER A 563 -50.62 -16.55 13.13
CA SER A 563 -52.07 -16.75 13.19
C SER A 563 -52.78 -16.23 11.96
N GLY A 564 -52.40 -15.05 11.49
CA GLY A 564 -53.12 -14.38 10.42
C GLY A 564 -54.14 -13.37 10.89
N LYS A 565 -54.26 -13.17 12.20
CA LYS A 565 -55.19 -12.18 12.73
C LYS A 565 -54.77 -10.78 12.31
N PRO A 566 -55.73 -9.89 12.07
CA PRO A 566 -55.38 -8.51 11.74
C PRO A 566 -54.97 -7.72 12.96
N ILE A 567 -53.92 -6.91 12.80
CA ILE A 567 -53.36 -6.12 13.89
C ILE A 567 -53.66 -4.65 13.63
N GLU A 568 -54.05 -3.95 14.69
CA GLU A 568 -54.48 -2.56 14.60
C GLU A 568 -53.32 -1.64 14.90
N LEU A 569 -53.11 -0.65 14.03
CA LEU A 569 -51.96 0.24 14.16
C LEU A 569 -52.05 1.11 15.41
N HIS A 570 -53.26 1.51 15.81
CA HIS A 570 -53.39 2.39 16.96
C HIS A 570 -53.06 1.69 18.27
N ARG A 571 -53.22 0.37 18.32
CA ARG A 571 -52.89 -0.42 19.50
C ARG A 571 -51.43 -0.87 19.51
N LEU A 572 -50.66 -0.53 18.48
CA LEU A 572 -49.36 -1.14 18.25
C LEU A 572 -48.37 -0.88 19.38
N LEU A 573 -48.45 0.30 20.00
CA LEU A 573 -47.38 0.75 20.90
C LEU A 573 -47.62 0.44 22.37
N GLU A 574 -48.78 -0.11 22.73
CA GLU A 574 -48.97 -0.49 24.13
C GLU A 574 -48.20 -1.78 24.43
N LYS A 575 -47.69 -1.85 25.65
CA LYS A 575 -46.90 -3.02 26.05
C LYS A 575 -47.79 -4.25 26.15
N GLY A 576 -47.28 -5.39 25.68
CA GLY A 576 -47.99 -6.64 25.71
C GLY A 576 -48.84 -6.92 24.49
N TYR A 577 -49.13 -5.92 23.67
CA TYR A 577 -49.95 -6.14 22.48
C TYR A 577 -49.20 -6.94 21.43
N VAL A 578 -47.95 -6.55 21.15
CA VAL A 578 -47.13 -7.21 20.13
C VAL A 578 -45.71 -7.34 20.66
N GLU A 579 -44.93 -8.20 20.00
CA GLU A 579 -43.51 -8.32 20.30
C GLU A 579 -42.76 -8.68 19.02
N VAL A 580 -41.49 -8.30 18.97
CA VAL A 580 -40.61 -8.67 17.88
C VAL A 580 -39.94 -9.99 18.25
N ASP A 581 -40.28 -11.04 17.51
CA ASP A 581 -39.86 -12.39 17.84
C ASP A 581 -38.87 -12.92 16.81
N HIS A 582 -37.84 -13.60 17.28
CA HIS A 582 -36.95 -14.35 16.40
C HIS A 582 -37.74 -15.55 15.86
N ALA A 583 -37.97 -15.57 14.55
CA ALA A 583 -38.69 -16.69 13.95
C ALA A 583 -37.94 -17.99 14.19
N LEU A 584 -36.73 -18.08 13.67
CA LEU A 584 -35.81 -19.12 14.11
C LEU A 584 -35.29 -18.76 15.49
N PRO A 585 -35.42 -19.64 16.48
CA PRO A 585 -35.10 -19.25 17.86
C PRO A 585 -33.64 -18.85 18.02
N PHE A 586 -33.41 -17.84 18.85
CA PHE A 586 -32.06 -17.35 19.05
C PHE A 586 -31.18 -18.38 19.75
N SER A 587 -31.76 -19.14 20.69
CA SER A 587 -30.99 -20.17 21.38
C SER A 587 -30.46 -21.23 20.42
N ARG A 588 -31.20 -21.49 19.34
CA ARG A 588 -30.80 -22.51 18.37
C ARG A 588 -30.01 -21.95 17.19
N THR A 589 -30.04 -20.62 16.98
CA THR A 589 -29.44 -20.05 15.78
C THR A 589 -28.45 -18.93 16.11
N TRP A 590 -28.68 -18.22 17.21
CA TRP A 590 -27.87 -17.04 17.56
C TRP A 590 -27.89 -15.99 16.45
N ASP A 591 -29.04 -15.84 15.80
CA ASP A 591 -29.19 -14.93 14.66
C ASP A 591 -30.00 -13.71 15.11
N ASP A 592 -29.33 -12.56 15.14
CA ASP A 592 -29.96 -11.31 15.52
C ASP A 592 -30.23 -10.43 14.29
N SER A 593 -30.13 -10.99 13.09
CA SER A 593 -30.28 -10.20 11.88
C SER A 593 -31.74 -9.83 11.65
N PHE A 594 -31.94 -8.84 10.76
CA PHE A 594 -33.29 -8.44 10.39
C PHE A 594 -34.06 -9.58 9.73
N ASN A 595 -33.36 -10.53 9.11
CA ASN A 595 -34.03 -11.63 8.43
C ASN A 595 -34.67 -12.63 9.39
N ASN A 596 -34.41 -12.51 10.69
CA ASN A 596 -34.95 -13.43 11.68
C ASN A 596 -36.06 -12.83 12.54
N LYS A 597 -36.39 -11.55 12.34
CA LYS A 597 -37.37 -10.86 13.18
C LYS A 597 -38.72 -10.80 12.49
N VAL A 598 -39.78 -11.13 13.24
CA VAL A 598 -41.15 -10.99 12.78
C VAL A 598 -41.97 -10.38 13.91
N LEU A 599 -42.87 -9.46 13.56
CA LEU A 599 -43.75 -8.87 14.54
C LEU A 599 -44.93 -9.82 14.78
N VAL A 600 -45.17 -10.17 16.04
CA VAL A 600 -46.10 -11.24 16.38
C VAL A 600 -46.94 -10.81 17.58
N LEU A 601 -48.24 -11.06 17.49
CA LEU A 601 -49.14 -10.82 18.62
C LEU A 601 -48.79 -11.75 19.77
N ALA A 602 -48.85 -11.22 21.00
CA ALA A 602 -48.54 -12.02 22.18
C ALA A 602 -49.57 -13.12 22.43
N ASN A 603 -50.61 -13.21 21.61
CA ASN A 603 -51.64 -14.23 21.81
C ASN A 603 -51.09 -15.62 21.54
N GLU A 604 -50.34 -15.79 20.45
CA GLU A 604 -49.93 -17.12 19.98
C GLU A 604 -48.55 -17.54 20.44
N ASN A 605 -47.64 -16.61 20.72
CA ASN A 605 -46.32 -17.00 21.20
C ASN A 605 -46.38 -17.68 22.56
N GLN A 606 -47.48 -17.49 23.31
CA GLN A 606 -47.67 -18.19 24.56
C GLN A 606 -47.82 -19.70 24.35
N ASN A 607 -48.08 -20.12 23.12
CA ASN A 607 -48.28 -21.54 22.82
C ASN A 607 -47.09 -22.17 22.09
N LYS A 608 -46.17 -21.37 21.56
CA LYS A 608 -45.15 -21.87 20.65
C LYS A 608 -43.93 -22.42 21.37
N GLY A 609 -43.24 -21.58 22.15
CA GLY A 609 -41.98 -21.97 22.74
C GLY A 609 -40.79 -21.47 21.92
N ASN A 610 -39.80 -22.33 21.72
CA ASN A 610 -38.62 -21.98 20.94
C ASN A 610 -38.38 -23.02 19.84
N LEU A 611 -39.41 -23.30 19.06
CA LEU A 611 -39.29 -24.11 17.87
C LEU A 611 -39.25 -23.21 16.63
N THR A 612 -39.16 -23.83 15.46
CA THR A 612 -39.19 -23.11 14.19
C THR A 612 -40.58 -23.16 13.59
N PRO A 613 -40.91 -22.23 12.69
CA PRO A 613 -42.26 -22.24 12.10
C PRO A 613 -42.64 -23.56 11.44
N PHE A 614 -41.68 -24.23 10.81
CA PHE A 614 -41.95 -25.58 10.29
C PHE A 614 -42.31 -26.53 11.43
N GLU A 615 -41.53 -26.52 12.50
CA GLU A 615 -41.82 -27.38 13.64
C GLU A 615 -43.07 -26.92 14.37
N TRP A 616 -43.25 -25.59 14.49
CA TRP A 616 -44.38 -25.05 15.24
C TRP A 616 -45.71 -25.31 14.54
N LEU A 617 -45.76 -25.14 13.22
CA LEU A 617 -47.01 -25.18 12.47
C LEU A 617 -47.27 -26.53 11.84
N ASP A 618 -46.48 -27.55 12.20
CA ASP A 618 -46.62 -28.91 11.67
C ASP A 618 -46.59 -28.88 10.14
N GLY A 619 -45.48 -28.37 9.62
CA GLY A 619 -45.28 -28.34 8.17
C GLY A 619 -44.83 -29.65 7.57
N LYS A 620 -44.37 -30.60 8.39
CA LYS A 620 -43.97 -31.89 7.87
C LYS A 620 -45.15 -32.63 7.24
N HIS A 621 -46.33 -32.52 7.85
CA HIS A 621 -47.54 -33.11 7.31
C HIS A 621 -48.26 -32.19 6.34
N ASN A 622 -47.69 -31.01 6.08
CA ASN A 622 -48.26 -30.03 5.14
C ASN A 622 -49.67 -29.62 5.57
N SER A 623 -49.80 -29.23 6.84
CA SER A 623 -51.10 -28.89 7.40
C SER A 623 -51.60 -27.57 6.83
N GLU A 624 -52.88 -27.30 7.09
CA GLU A 624 -53.47 -26.03 6.66
C GLU A 624 -52.77 -24.85 7.32
N ARG A 625 -52.36 -25.01 8.58
CA ARG A 625 -51.68 -23.93 9.29
C ARG A 625 -50.39 -23.54 8.59
N TRP A 626 -49.55 -24.52 8.27
CA TRP A 626 -48.28 -24.24 7.62
C TRP A 626 -48.47 -23.62 6.24
N ARG A 627 -49.41 -24.14 5.46
CA ARG A 627 -49.61 -23.61 4.11
C ARG A 627 -50.16 -22.19 4.16
N ALA A 628 -51.09 -21.91 5.07
CA ALA A 628 -51.58 -20.54 5.22
C ALA A 628 -50.47 -19.59 5.65
N PHE A 629 -49.64 -20.02 6.61
CA PHE A 629 -48.53 -19.18 7.04
C PHE A 629 -47.54 -18.95 5.92
N LYS A 630 -47.25 -19.99 5.13
CA LYS A 630 -46.32 -19.86 4.02
C LYS A 630 -46.84 -18.90 2.97
N ALA A 631 -48.14 -18.98 2.66
CA ALA A 631 -48.73 -18.01 1.74
C ALA A 631 -48.65 -16.60 2.30
N LEU A 632 -48.90 -16.45 3.61
CA LEU A 632 -48.84 -15.12 4.23
C LEU A 632 -47.44 -14.53 4.16
N VAL A 633 -46.40 -15.33 4.44
CA VAL A 633 -45.05 -14.78 4.42
C VAL A 633 -44.61 -14.52 2.98
N GLU A 634 -44.97 -15.41 2.05
CA GLU A 634 -44.57 -15.22 0.66
C GLU A 634 -45.29 -14.04 0.02
N THR A 635 -46.48 -13.69 0.51
CA THR A 635 -47.18 -12.52 -0.01
C THR A 635 -46.70 -11.22 0.63
N SER A 636 -45.84 -11.29 1.64
CA SER A 636 -45.30 -10.09 2.26
C SER A 636 -44.26 -9.44 1.37
N ALA A 637 -43.86 -8.22 1.74
CA ALA A 637 -42.83 -7.47 1.03
C ALA A 637 -41.42 -7.86 1.43
N PHE A 638 -41.26 -9.05 2.01
CA PHE A 638 -39.98 -9.50 2.50
C PHE A 638 -39.01 -9.76 1.35
N PRO A 639 -37.71 -9.57 1.56
CA PRO A 639 -36.73 -10.06 0.60
C PRO A 639 -36.70 -11.58 0.58
N TYR A 640 -36.17 -12.12 -0.53
CA TYR A 640 -36.20 -13.57 -0.73
C TYR A 640 -35.42 -14.29 0.36
N ALA A 641 -34.26 -13.76 0.74
CA ALA A 641 -33.45 -14.40 1.78
C ALA A 641 -34.21 -14.48 3.10
N LYS A 642 -34.89 -13.39 3.46
CA LYS A 642 -35.71 -13.42 4.67
C LYS A 642 -36.82 -14.46 4.55
N LYS A 643 -37.47 -14.53 3.38
CA LYS A 643 -38.54 -15.50 3.19
C LYS A 643 -38.03 -16.93 3.40
N GLN A 644 -36.88 -17.25 2.83
CA GLN A 644 -36.35 -18.60 2.97
C GLN A 644 -35.82 -18.87 4.37
N ARG A 645 -35.32 -17.84 5.06
CA ARG A 645 -34.86 -18.06 6.43
C ARG A 645 -36.04 -18.30 7.37
N ILE A 646 -37.18 -17.63 7.13
CA ILE A 646 -38.37 -17.90 7.94
C ILE A 646 -38.86 -19.32 7.69
N LEU A 647 -38.92 -19.73 6.42
CA LEU A 647 -39.41 -21.06 6.05
C LEU A 647 -38.24 -22.03 5.91
N SER A 648 -37.50 -22.21 7.00
CA SER A 648 -36.20 -22.87 6.90
C SER A 648 -36.33 -24.37 6.62
N GLN A 649 -37.12 -25.08 7.44
CA GLN A 649 -37.29 -26.53 7.38
C GLN A 649 -36.03 -27.27 7.83
N LYS A 650 -34.94 -26.55 8.05
CA LYS A 650 -33.67 -27.16 8.42
C LYS A 650 -33.03 -26.31 9.51
N LEU A 651 -32.44 -26.99 10.49
CA LEU A 651 -31.87 -26.29 11.65
C LEU A 651 -30.40 -25.93 11.44
N ASP A 652 -29.56 -26.93 11.16
CA ASP A 652 -28.13 -26.72 10.94
C ASP A 652 -27.52 -25.89 12.07
N GLU A 653 -27.80 -26.32 13.30
CA GLU A 653 -27.48 -25.49 14.47
C GLU A 653 -25.99 -25.22 14.57
N LYS A 654 -25.16 -26.25 14.44
CA LYS A 654 -23.72 -26.08 14.62
C LYS A 654 -23.16 -25.06 13.64
N GLY A 655 -23.43 -25.26 12.35
CA GLY A 655 -22.88 -24.36 11.34
C GLY A 655 -23.41 -22.96 11.45
N PHE A 656 -24.73 -22.82 11.68
CA PHE A 656 -25.31 -21.48 11.76
C PHE A 656 -24.78 -20.72 12.97
N ILE A 657 -24.71 -21.38 14.13
CA ILE A 657 -24.21 -20.70 15.32
C ILE A 657 -22.73 -20.34 15.17
N GLU A 658 -21.93 -21.26 14.61
CA GLU A 658 -20.51 -20.96 14.44
C GLU A 658 -20.31 -19.82 13.44
N ARG A 659 -21.13 -19.76 12.40
CA ARG A 659 -21.06 -18.64 11.47
C ARG A 659 -21.47 -17.33 12.14
N ASN A 660 -22.51 -17.37 12.97
CA ASN A 660 -23.03 -16.16 13.60
C ASN A 660 -22.15 -15.65 14.73
N LEU A 661 -21.37 -16.51 15.38
CA LEU A 661 -20.63 -16.09 16.55
C LEU A 661 -19.20 -15.66 16.27
N ASN A 662 -18.58 -16.16 15.20
CA ASN A 662 -17.18 -15.90 14.91
C ASN A 662 -17.03 -15.11 13.62
N ASP A 663 -16.09 -14.17 13.61
CA ASP A 663 -15.75 -13.45 12.39
C ASP A 663 -15.03 -14.39 11.43
N THR A 664 -15.63 -14.59 10.25
CA THR A 664 -15.12 -15.53 9.27
C THR A 664 -14.24 -14.88 8.21
N ARG A 665 -13.95 -13.59 8.34
CA ARG A 665 -13.17 -12.89 7.34
C ARG A 665 -11.70 -13.33 7.38
N TYR A 666 -10.95 -12.92 6.36
CA TYR A 666 -9.57 -13.35 6.22
C TYR A 666 -8.72 -12.90 7.41
N VAL A 667 -8.87 -11.64 7.82
CA VAL A 667 -8.03 -11.09 8.88
C VAL A 667 -8.29 -11.82 10.19
N ALA A 668 -9.56 -12.14 10.48
CA ALA A 668 -9.88 -12.82 11.72
C ALA A 668 -9.27 -14.21 11.77
N ARG A 669 -9.41 -14.99 10.70
CA ARG A 669 -8.84 -16.33 10.66
C ARG A 669 -7.32 -16.27 10.75
N PHE A 670 -6.69 -15.36 9.99
CA PHE A 670 -5.24 -15.23 10.04
C PHE A 670 -4.76 -14.85 11.43
N LEU A 671 -5.46 -13.92 12.08
CA LEU A 671 -5.05 -13.49 13.42
C LEU A 671 -5.22 -14.61 14.44
N CYS A 672 -6.32 -15.36 14.34
CA CYS A 672 -6.48 -16.51 15.22
C CYS A 672 -5.32 -17.48 15.07
N ASN A 673 -5.01 -17.86 13.82
CA ASN A 673 -3.93 -18.81 13.59
C ASN A 673 -2.60 -18.26 14.09
N PHE A 674 -2.31 -16.99 13.79
CA PHE A 674 -1.03 -16.40 14.11
C PHE A 674 -0.83 -16.26 15.61
N ILE A 675 -1.85 -15.75 16.32
CA ILE A 675 -1.75 -15.60 17.77
C ILE A 675 -1.63 -16.97 18.43
N ALA A 676 -2.43 -17.95 17.97
CA ALA A 676 -2.39 -19.27 18.59
C ALA A 676 -1.04 -19.96 18.38
N ASP A 677 -0.47 -19.83 17.18
CA ASP A 677 0.75 -20.57 16.86
C ASP A 677 2.01 -19.88 17.36
N ASN A 678 2.04 -18.55 17.39
CA ASN A 678 3.27 -17.81 17.64
C ASN A 678 3.35 -17.18 19.01
N MET A 679 2.31 -17.31 19.84
CA MET A 679 2.33 -16.70 21.17
C MET A 679 1.81 -17.69 22.19
N HIS A 680 2.20 -17.47 23.45
CA HIS A 680 1.83 -18.35 24.54
C HIS A 680 0.55 -17.85 25.19
N LEU A 681 -0.47 -18.70 25.22
CA LEU A 681 -1.74 -18.40 25.86
C LEU A 681 -2.05 -19.51 26.86
N THR A 682 -2.31 -19.13 28.10
CA THR A 682 -2.63 -20.09 29.16
C THR A 682 -4.13 -20.43 29.21
N GLY A 683 -4.68 -20.79 28.08
CA GLY A 683 -6.08 -21.18 27.98
C GLY A 683 -6.22 -22.62 27.57
N GLU A 684 -7.19 -23.31 28.17
CA GLU A 684 -7.43 -24.72 27.91
C GLU A 684 -8.36 -24.86 26.71
N GLY A 685 -7.92 -25.58 25.69
CA GLY A 685 -8.71 -25.85 24.50
C GLY A 685 -7.94 -25.48 23.25
N LYS A 686 -8.66 -25.42 22.13
CA LYS A 686 -8.08 -25.07 20.84
C LYS A 686 -8.61 -23.75 20.29
N ARG A 687 -9.46 -23.05 21.05
CA ARG A 687 -9.98 -21.76 20.64
C ARG A 687 -9.48 -20.70 21.60
N LYS A 688 -8.18 -20.74 21.90
CA LYS A 688 -7.57 -19.74 22.76
C LYS A 688 -7.71 -18.33 22.21
N VAL A 689 -7.95 -18.19 20.91
CA VAL A 689 -8.15 -16.92 20.25
C VAL A 689 -9.57 -16.88 19.70
N PHE A 690 -10.31 -15.82 20.03
CA PHE A 690 -11.71 -15.68 19.65
C PHE A 690 -11.90 -14.37 18.89
N ALA A 691 -12.31 -14.47 17.64
CA ALA A 691 -12.65 -13.31 16.82
C ALA A 691 -14.15 -13.34 16.60
N SER A 692 -14.87 -12.51 17.35
CA SER A 692 -16.33 -12.55 17.33
C SER A 692 -16.88 -11.80 16.13
N ASN A 693 -18.01 -12.28 15.63
CA ASN A 693 -18.75 -11.56 14.61
C ASN A 693 -19.22 -10.22 15.18
N GLY A 694 -19.12 -9.18 14.35
CA GLY A 694 -19.48 -7.84 14.81
C GLY A 694 -20.93 -7.73 15.23
N GLN A 695 -21.81 -8.53 14.61
CA GLN A 695 -23.23 -8.46 14.94
C GLN A 695 -23.50 -8.94 16.37
N ILE A 696 -22.86 -10.04 16.78
CA ILE A 696 -23.05 -10.52 18.15
C ILE A 696 -22.44 -9.54 19.14
N THR A 697 -21.32 -8.91 18.78
CA THR A 697 -20.77 -7.86 19.62
C THR A 697 -21.74 -6.70 19.78
N ALA A 698 -22.40 -6.30 18.68
CA ALA A 698 -23.41 -5.24 18.78
C ALA A 698 -24.57 -5.66 19.65
N LEU A 699 -25.01 -6.92 19.53
CA LEU A 699 -26.08 -7.44 20.38
C LEU A 699 -25.69 -7.34 21.86
N LEU A 700 -24.48 -7.81 22.19
CA LEU A 700 -24.03 -7.76 23.57
C LEU A 700 -23.92 -6.33 24.07
N ARG A 701 -23.37 -5.44 23.25
CA ARG A 701 -23.24 -4.04 23.63
C ARG A 701 -24.59 -3.38 23.83
N SER A 702 -25.61 -3.82 23.08
CA SER A 702 -26.95 -3.27 23.24
C SER A 702 -27.62 -3.78 24.50
N ARG A 703 -27.64 -5.10 24.69
CA ARG A 703 -28.33 -5.68 25.83
C ARG A 703 -27.57 -5.55 27.14
N TRP A 704 -26.28 -5.20 27.09
CA TRP A 704 -25.53 -4.92 28.31
C TRP A 704 -25.64 -3.47 28.75
N GLY A 705 -26.34 -2.63 27.98
CA GLY A 705 -26.71 -1.30 28.41
C GLY A 705 -25.86 -0.16 27.89
N LEU A 706 -24.76 -0.47 27.20
CA LEU A 706 -23.76 0.51 26.79
C LEU A 706 -23.70 0.70 25.29
N ALA A 707 -24.83 0.52 24.60
CA ALA A 707 -24.88 0.60 23.14
C ALA A 707 -24.41 1.96 22.67
N LYS A 708 -25.15 3.02 22.99
CA LYS A 708 -24.76 4.38 22.59
C LYS A 708 -24.03 5.13 23.70
N SER A 709 -23.00 4.49 24.24
CA SER A 709 -22.12 5.07 25.25
C SER A 709 -20.86 5.66 24.63
N ARG A 710 -20.86 5.85 23.31
CA ARG A 710 -19.69 6.31 22.58
C ARG A 710 -19.80 7.81 22.35
N GLU A 711 -18.81 8.56 22.82
CA GLU A 711 -18.72 9.98 22.56
C GLU A 711 -17.98 10.19 21.25
N ASP A 712 -17.65 11.44 20.93
CA ASP A 712 -16.91 11.75 19.71
C ASP A 712 -15.41 11.63 19.91
N ASN A 713 -14.95 11.27 21.10
CA ASN A 713 -13.53 11.09 21.36
C ASN A 713 -13.09 9.69 20.93
N ASP A 714 -11.78 9.46 20.99
CA ASP A 714 -11.20 8.20 20.54
C ASP A 714 -11.30 7.09 21.58
N ARG A 715 -11.78 7.40 22.78
CA ARG A 715 -11.85 6.39 23.84
C ARG A 715 -12.86 5.29 23.52
N HIS A 716 -13.87 5.58 22.70
CA HIS A 716 -15.00 4.67 22.54
C HIS A 716 -14.58 3.30 22.01
N HIS A 717 -13.47 3.24 21.26
CA HIS A 717 -12.98 1.95 20.77
C HIS A 717 -12.84 0.96 21.92
N ALA A 718 -12.27 1.43 23.05
CA ALA A 718 -12.05 0.56 24.19
C ALA A 718 -13.33 -0.17 24.57
N LEU A 719 -14.47 0.51 24.47
CA LEU A 719 -15.77 -0.08 24.76
C LEU A 719 -15.88 -1.48 24.17
N ASP A 720 -15.70 -1.57 22.84
CA ASP A 720 -15.88 -2.85 22.17
C ASP A 720 -14.94 -3.90 22.75
N ALA A 721 -13.67 -3.53 22.96
CA ALA A 721 -12.73 -4.48 23.55
C ALA A 721 -13.32 -5.07 24.82
N VAL A 722 -13.83 -4.23 25.72
CA VAL A 722 -14.37 -4.73 26.97
C VAL A 722 -15.43 -5.78 26.72
N VAL A 723 -16.38 -5.47 25.83
CA VAL A 723 -17.48 -6.41 25.63
C VAL A 723 -16.97 -7.69 24.98
N VAL A 724 -16.01 -7.57 24.05
CA VAL A 724 -15.52 -8.78 23.41
C VAL A 724 -14.67 -9.57 24.40
N ALA A 725 -14.13 -8.90 25.42
CA ALA A 725 -13.41 -9.64 26.45
C ALA A 725 -14.34 -10.39 27.37
N CYS A 726 -15.64 -10.07 27.36
CA CYS A 726 -16.60 -10.70 28.24
C CYS A 726 -17.44 -11.76 27.52
N SER A 727 -17.00 -12.21 26.35
CA SER A 727 -17.73 -13.18 25.54
C SER A 727 -17.26 -14.61 25.77
N THR A 728 -16.87 -14.93 27.00
CA THR A 728 -16.43 -16.29 27.30
C THR A 728 -17.58 -17.27 27.14
N VAL A 729 -17.23 -18.53 26.88
CA VAL A 729 -18.23 -19.54 26.54
C VAL A 729 -19.27 -19.70 27.65
N ALA A 730 -18.87 -19.50 28.91
CA ALA A 730 -19.84 -19.55 30.00
C ALA A 730 -20.85 -18.42 29.87
N MET A 731 -20.39 -17.22 29.50
CA MET A 731 -21.30 -16.09 29.29
C MET A 731 -22.28 -16.40 28.17
N GLN A 732 -21.80 -16.98 27.08
CA GLN A 732 -22.68 -17.32 25.97
C GLN A 732 -23.68 -18.41 26.36
N GLN A 733 -23.26 -19.37 27.19
CA GLN A 733 -24.19 -20.36 27.69
C GLN A 733 -25.26 -19.72 28.57
N LYS A 734 -24.86 -18.77 29.42
CA LYS A 734 -25.83 -18.04 30.24
C LYS A 734 -26.83 -17.30 29.36
N ILE A 735 -26.34 -16.64 28.31
CA ILE A 735 -27.22 -15.92 27.39
C ILE A 735 -28.18 -16.89 26.71
N THR A 736 -27.67 -18.06 26.28
CA THR A 736 -28.52 -19.05 25.63
C THR A 736 -29.62 -19.53 26.57
N ARG A 737 -29.28 -19.77 27.83
CA ARG A 737 -30.29 -20.20 28.79
C ARG A 737 -31.32 -19.11 29.04
N PHE A 738 -30.88 -17.85 29.11
CA PHE A 738 -31.83 -16.76 29.31
C PHE A 738 -32.76 -16.60 28.11
N VAL A 739 -32.23 -16.79 26.89
CA VAL A 739 -33.09 -16.76 25.70
C VAL A 739 -34.07 -17.91 25.72
N ARG A 740 -33.62 -19.09 26.17
CA ARG A 740 -34.55 -20.21 26.34
C ARG A 740 -35.66 -19.88 27.31
N PHE A 741 -35.32 -19.18 28.40
CA PHE A 741 -36.34 -18.69 29.33
C PHE A 741 -37.34 -17.81 28.60
N GLU A 742 -36.86 -16.70 28.02
CA GLU A 742 -37.78 -15.71 27.47
C GLU A 742 -38.57 -16.24 26.27
N ALA A 743 -38.08 -17.29 25.61
CA ALA A 743 -38.78 -17.84 24.46
C ALA A 743 -39.91 -18.76 24.89
N GLY A 744 -39.59 -19.85 25.58
CA GLY A 744 -40.59 -20.86 25.89
C GLY A 744 -40.66 -21.30 27.33
N ASP A 745 -39.56 -21.19 28.05
CA ASP A 745 -39.49 -21.67 29.43
C ASP A 745 -39.60 -20.51 30.42
N PRO A 761 -32.98 -15.93 35.94
CA PRO A 761 -32.70 -14.50 35.92
C PRO A 761 -33.86 -13.72 35.31
N LEU A 762 -34.19 -12.58 35.93
CA LEU A 762 -35.29 -11.77 35.43
C LEU A 762 -34.91 -10.97 34.19
N HIS A 763 -33.66 -10.54 34.08
CA HIS A 763 -33.20 -9.69 32.99
C HIS A 763 -32.03 -10.35 32.26
N PHE A 764 -31.57 -9.68 31.21
CA PHE A 764 -30.51 -10.24 30.38
C PHE A 764 -29.21 -10.32 31.18
N PRO A 765 -28.46 -11.42 31.05
CA PRO A 765 -27.24 -11.58 31.85
C PRO A 765 -26.22 -10.50 31.55
N THR A 766 -25.53 -10.07 32.60
CA THR A 766 -24.41 -9.15 32.53
C THR A 766 -23.20 -9.80 33.21
N PRO A 767 -21.98 -9.42 32.83
CA PRO A 767 -20.80 -10.05 33.43
C PRO A 767 -20.78 -9.96 34.95
N TRP A 768 -21.23 -8.84 35.51
CA TRP A 768 -21.39 -8.68 36.96
C TRP A 768 -22.38 -7.55 37.21
N GLN A 769 -22.68 -7.32 38.47
CA GLN A 769 -23.59 -6.25 38.85
C GLN A 769 -22.96 -4.90 38.56
N PHE A 770 -23.77 -3.98 38.02
CA PHE A 770 -23.35 -2.61 37.72
C PHE A 770 -22.24 -2.57 36.67
N PHE A 771 -22.29 -3.48 35.71
CA PHE A 771 -21.26 -3.58 34.67
C PHE A 771 -21.24 -2.34 33.78
N LYS A 772 -22.42 -1.88 33.35
CA LYS A 772 -22.52 -0.75 32.44
C LYS A 772 -21.80 0.47 32.99
N GLN A 773 -22.14 0.87 34.21
CA GLN A 773 -21.59 2.11 34.75
C GLN A 773 -20.11 1.96 35.06
N GLU A 774 -19.69 0.76 35.52
CA GLU A 774 -18.27 0.54 35.75
C GLU A 774 -17.46 0.72 34.47
N VAL A 775 -17.93 0.13 33.38
CA VAL A 775 -17.22 0.28 32.10
C VAL A 775 -17.21 1.75 31.66
N GLU A 776 -18.36 2.41 31.76
CA GLU A 776 -18.45 3.80 31.32
C GLU A 776 -17.50 4.70 32.12
N ILE A 777 -17.47 4.53 33.44
CA ILE A 777 -16.57 5.34 34.26
C ILE A 777 -15.12 5.02 33.93
N ARG A 778 -14.76 3.73 33.86
CA ARG A 778 -13.36 3.38 33.64
C ARG A 778 -12.86 3.86 32.30
N ILE A 779 -13.73 3.98 31.30
CA ILE A 779 -13.28 4.46 30.00
C ILE A 779 -13.31 5.97 29.89
N PHE A 780 -14.38 6.63 30.34
CA PHE A 780 -14.58 8.04 30.02
C PHE A 780 -14.38 9.01 31.17
N SER A 781 -14.17 8.54 32.40
CA SER A 781 -13.99 9.45 33.52
C SER A 781 -12.58 10.05 33.52
N ASP A 782 -12.50 11.31 33.96
CA ASP A 782 -11.21 11.97 34.08
C ASP A 782 -10.43 11.44 35.28
N ASN A 783 -11.12 11.22 36.40
CA ASN A 783 -10.52 10.62 37.59
C ASN A 783 -11.44 9.45 37.98
N PRO A 784 -11.25 8.29 37.35
CA PRO A 784 -12.17 7.16 37.60
C PRO A 784 -12.20 6.70 39.03
N LYS A 785 -11.14 6.90 39.81
CA LYS A 785 -11.16 6.49 41.22
C LYS A 785 -12.25 7.23 41.99
N LEU A 786 -12.27 8.56 41.86
CA LEU A 786 -13.25 9.36 42.59
C LEU A 786 -14.67 9.01 42.16
N GLU A 787 -14.90 8.92 40.84
CA GLU A 787 -16.25 8.62 40.37
C GLU A 787 -16.69 7.22 40.79
N LEU A 788 -15.78 6.25 40.72
CA LEU A 788 -16.11 4.90 41.13
C LEU A 788 -16.45 4.83 42.62
N GLU A 789 -15.68 5.55 43.44
CA GLU A 789 -15.94 5.52 44.88
C GLU A 789 -17.23 6.26 45.23
N ASN A 790 -17.54 7.34 44.51
CA ASN A 790 -18.65 8.21 44.86
C ASN A 790 -19.97 7.73 44.27
N ARG A 791 -20.05 7.62 42.93
CA ARG A 791 -21.30 7.30 42.27
C ARG A 791 -21.65 5.81 42.31
N LEU A 792 -20.71 4.95 42.70
CA LEU A 792 -20.96 3.50 42.77
C LEU A 792 -20.39 2.97 44.08
N PRO A 793 -21.09 3.17 45.20
CA PRO A 793 -20.56 2.74 46.49
C PRO A 793 -20.74 1.25 46.75
N ASP A 794 -21.76 0.64 46.15
CA ASP A 794 -22.10 -0.75 46.42
C ASP A 794 -21.22 -1.74 45.68
N ARG A 795 -20.22 -1.28 44.92
CA ARG A 795 -19.31 -2.14 44.19
C ARG A 795 -17.87 -1.73 44.50
N PRO A 796 -17.39 -2.06 45.70
CA PRO A 796 -15.99 -1.72 46.03
C PRO A 796 -14.97 -2.46 45.18
N GLN A 797 -15.35 -3.57 44.54
CA GLN A 797 -14.42 -4.37 43.76
C GLN A 797 -13.90 -3.62 42.54
N ALA A 798 -14.65 -2.64 42.04
CA ALA A 798 -14.26 -1.96 40.81
C ALA A 798 -13.06 -1.06 41.00
N ASN A 799 -12.89 -0.48 42.19
CA ASN A 799 -11.80 0.43 42.48
C ASN A 799 -10.67 -0.36 43.13
N HIS A 800 -9.57 -0.55 42.41
CA HIS A 800 -8.45 -1.34 42.88
C HIS A 800 -7.15 -0.58 42.56
N GLU A 801 -6.03 -1.28 42.71
CA GLU A 801 -4.72 -0.65 42.51
C GLU A 801 -4.45 -0.31 41.05
N PHE A 802 -5.10 -1.00 40.11
CA PHE A 802 -4.86 -0.79 38.69
C PHE A 802 -5.74 0.30 38.09
N VAL A 803 -6.66 0.86 38.86
CA VAL A 803 -7.59 1.85 38.33
C VAL A 803 -6.86 3.18 38.17
N GLN A 804 -6.67 3.60 36.93
CA GLN A 804 -6.04 4.86 36.58
C GLN A 804 -6.84 5.52 35.47
N PRO A 805 -6.76 6.85 35.36
CA PRO A 805 -7.41 7.52 34.23
C PRO A 805 -6.85 7.03 32.90
N LEU A 806 -7.75 6.78 31.95
CA LEU A 806 -7.35 6.27 30.65
C LEU A 806 -6.73 7.38 29.83
N PHE A 807 -5.47 7.20 29.44
CA PHE A 807 -4.78 8.12 28.54
C PHE A 807 -4.57 7.44 27.20
N VAL A 808 -5.04 8.07 26.14
CA VAL A 808 -4.92 7.52 24.80
C VAL A 808 -3.50 7.74 24.30
N SER A 809 -2.87 6.68 23.82
CA SER A 809 -1.49 6.74 23.35
C SER A 809 -1.49 6.84 21.83
N ARG A 810 -0.85 7.88 21.31
CA ARG A 810 -0.79 8.11 19.86
C ARG A 810 0.57 7.70 19.33
N MET A 811 0.57 7.16 18.11
CA MET A 811 1.79 6.63 17.54
C MET A 811 2.82 7.75 17.32
N PRO A 812 4.07 7.56 17.71
CA PRO A 812 5.08 8.58 17.47
C PRO A 812 5.37 8.77 15.99
N THR A 813 5.79 9.98 15.64
CA THR A 813 6.18 10.31 14.27
C THR A 813 7.47 11.14 14.38
N ARG A 814 8.61 10.44 14.34
CA ARG A 814 9.90 11.08 14.60
C ARG A 814 10.88 10.89 13.44
N LYS A 815 10.40 10.50 12.27
CA LYS A 815 11.27 10.32 11.13
C LYS A 815 11.85 11.66 10.68
N MET A 816 13.14 11.66 10.37
CA MET A 816 13.83 12.87 9.93
C MET A 816 13.88 13.00 8.41
N THR A 817 13.37 12.03 7.68
CA THR A 817 13.36 12.05 6.22
C THR A 817 11.96 12.34 5.70
N GLY A 818 11.89 13.21 4.70
CA GLY A 818 10.59 13.56 4.14
C GLY A 818 10.77 14.35 2.87
N GLN A 819 9.65 14.89 2.38
CA GLN A 819 9.67 15.69 1.18
C GLN A 819 10.49 16.96 1.40
N GLY A 820 11.43 17.21 0.49
CA GLY A 820 12.34 18.33 0.67
C GLY A 820 11.66 19.68 0.61
N HIS A 821 10.81 19.87 -0.40
CA HIS A 821 10.16 21.16 -0.60
C HIS A 821 8.86 20.93 -1.37
N MET A 822 8.12 22.01 -1.60
CA MET A 822 6.93 21.93 -2.44
C MET A 822 7.32 21.81 -3.90
N GLU A 823 6.51 21.05 -4.65
CA GLU A 823 6.85 20.74 -6.03
C GLU A 823 6.89 21.99 -6.90
N THR A 824 5.96 22.91 -6.69
CA THR A 824 5.92 24.15 -7.46
C THR A 824 7.21 24.93 -7.27
N VAL A 825 7.92 25.19 -8.36
CA VAL A 825 9.22 25.83 -8.34
C VAL A 825 9.07 27.26 -8.83
N LYS A 826 9.43 28.22 -7.99
CA LYS A 826 9.38 29.64 -8.28
C LYS A 826 10.77 30.12 -8.68
N SER A 827 10.82 31.33 -9.23
CA SER A 827 12.09 31.96 -9.60
C SER A 827 12.63 32.78 -8.43
N ALA A 828 13.93 32.66 -8.20
CA ALA A 828 14.58 33.32 -7.06
C ALA A 828 15.47 34.45 -7.57
N LYS A 829 14.87 35.62 -7.74
CA LYS A 829 15.57 36.90 -7.87
C LYS A 829 14.72 38.00 -7.28
N ARG A 830 13.61 37.64 -6.63
CA ARG A 830 12.70 38.57 -6.00
C ARG A 830 12.67 38.36 -4.49
N LEU A 831 13.45 37.41 -3.97
CA LEU A 831 13.42 37.10 -2.55
C LEU A 831 13.92 38.28 -1.71
N ASN A 832 14.77 39.13 -2.27
CA ASN A 832 15.25 40.31 -1.55
C ASN A 832 14.10 41.23 -1.15
N GLU A 833 12.97 41.16 -1.84
CA GLU A 833 11.73 41.81 -1.43
C GLU A 833 10.67 40.81 -0.96
N GLY A 834 10.88 39.52 -1.19
CA GLY A 834 9.97 38.49 -0.71
C GLY A 834 8.73 38.28 -1.54
N ILE A 835 8.89 38.08 -2.84
CA ILE A 835 7.78 37.80 -3.74
C ILE A 835 8.16 36.69 -4.70
N SER A 836 7.13 36.06 -5.28
CA SER A 836 7.26 34.82 -6.04
C SER A 836 6.81 35.04 -7.48
N VAL A 837 7.76 34.99 -8.41
CA VAL A 837 7.45 35.16 -9.83
C VAL A 837 7.45 33.78 -10.49
N ILE A 838 6.28 33.38 -10.99
CA ILE A 838 6.09 32.13 -11.73
C ILE A 838 5.37 32.48 -13.02
N LYS A 839 5.41 31.56 -13.98
CA LYS A 839 4.55 31.66 -15.14
C LYS A 839 3.11 31.36 -14.74
N MET A 840 2.20 32.26 -15.08
CA MET A 840 0.79 32.10 -14.72
C MET A 840 -0.04 31.85 -15.98
N PRO A 841 -0.51 30.63 -16.22
CA PRO A 841 -1.36 30.39 -17.39
C PRO A 841 -2.65 31.18 -17.33
N LEU A 842 -3.09 31.67 -18.49
CA LEU A 842 -4.35 32.41 -18.55
C LEU A 842 -5.53 31.51 -18.19
N THR A 843 -5.54 30.28 -18.70
CA THR A 843 -6.63 29.36 -18.42
C THR A 843 -6.71 28.99 -16.94
N LYS A 844 -5.66 29.25 -16.17
CA LYS A 844 -5.69 29.03 -14.73
C LYS A 844 -5.78 30.32 -13.92
N LEU A 845 -5.51 31.47 -14.54
CA LEU A 845 -5.47 32.73 -13.81
C LEU A 845 -6.88 33.21 -13.50
N LYS A 846 -7.22 33.26 -12.21
CA LYS A 846 -8.49 33.81 -11.76
C LYS A 846 -8.32 35.31 -11.52
N LEU A 847 -9.35 35.96 -10.96
CA LEU A 847 -9.28 37.41 -10.78
C LEU A 847 -8.18 37.82 -9.81
N LYS A 848 -8.00 37.05 -8.73
CA LYS A 848 -6.97 37.40 -7.74
C LYS A 848 -5.58 37.31 -8.35
N ASP A 849 -5.30 36.24 -9.10
CA ASP A 849 -4.02 36.12 -9.76
C ASP A 849 -3.82 37.21 -10.80
N LEU A 850 -4.92 37.72 -11.36
CA LEU A 850 -4.84 38.77 -12.37
C LEU A 850 -4.21 40.04 -11.80
N GLU A 851 -4.68 40.47 -10.62
CA GLU A 851 -4.18 41.71 -10.04
C GLU A 851 -2.77 41.54 -9.48
N LEU A 852 -2.40 40.33 -9.09
CA LEU A 852 -1.06 40.04 -8.59
C LEU A 852 -0.04 39.85 -9.71
N MET A 853 -0.37 40.30 -10.93
CA MET A 853 0.53 40.17 -12.06
C MET A 853 1.70 41.14 -11.94
N VAL A 854 2.77 40.84 -12.68
CA VAL A 854 3.92 41.72 -12.75
C VAL A 854 3.84 42.63 -13.99
N ASN A 855 2.66 42.75 -14.57
CA ASN A 855 2.50 43.51 -15.80
C ASN A 855 1.35 44.49 -15.80
N ARG A 856 0.53 44.57 -14.74
CA ARG A 856 -0.38 45.69 -14.62
C ARG A 856 0.36 47.01 -14.51
N GLU A 857 1.59 46.97 -14.01
CA GLU A 857 2.49 48.12 -14.03
C GLU A 857 3.18 48.30 -15.37
N ARG A 858 3.00 47.37 -16.29
CA ARG A 858 3.60 47.45 -17.62
C ARG A 858 2.61 47.43 -18.76
N GLU A 859 1.45 46.79 -18.60
CA GLU A 859 0.44 46.73 -19.67
C GLU A 859 -0.94 46.87 -19.03
N LYS A 860 -1.44 48.11 -18.98
CA LYS A 860 -2.79 48.33 -18.48
C LYS A 860 -3.84 47.82 -19.45
N ASP A 861 -3.54 47.84 -20.75
CA ASP A 861 -4.44 47.25 -21.73
C ASP A 861 -4.61 45.75 -21.46
N LEU A 862 -3.50 45.06 -21.18
CA LEU A 862 -3.58 43.64 -20.82
C LEU A 862 -4.44 43.45 -19.58
N TYR A 863 -4.18 44.22 -18.52
CA TYR A 863 -4.92 44.07 -17.28
C TYR A 863 -6.41 44.32 -17.50
N ASP A 864 -6.75 45.42 -18.19
CA ASP A 864 -8.15 45.78 -18.37
C ASP A 864 -8.88 44.76 -19.22
N THR A 865 -8.28 44.33 -20.34
CA THR A 865 -8.93 43.35 -21.20
C THR A 865 -9.09 42.01 -20.51
N LEU A 866 -8.05 41.55 -19.81
CA LEU A 866 -8.16 40.29 -19.07
C LEU A 866 -9.17 40.40 -17.94
N LYS A 867 -9.31 41.59 -17.34
CA LYS A 867 -10.28 41.78 -16.27
C LYS A 867 -11.70 41.57 -16.78
N ALA A 868 -12.07 42.30 -17.85
CA ALA A 868 -13.43 42.19 -18.38
C ALA A 868 -13.73 40.79 -18.90
N ARG A 869 -12.70 40.07 -19.36
CA ARG A 869 -12.91 38.70 -19.81
C ARG A 869 -13.39 37.80 -18.67
N LEU A 870 -12.79 37.95 -17.49
CA LEU A 870 -13.23 37.19 -16.33
C LEU A 870 -14.61 37.63 -15.85
N GLU A 871 -14.94 38.91 -16.05
CA GLU A 871 -16.27 39.39 -15.70
C GLU A 871 -17.35 38.74 -16.55
N ALA A 872 -17.11 38.64 -17.87
CA ALA A 872 -18.12 38.07 -18.76
C ALA A 872 -18.32 36.58 -18.55
N PHE A 873 -17.37 35.91 -17.89
CA PHE A 873 -17.47 34.49 -17.60
C PHE A 873 -17.79 34.21 -16.13
N ASN A 874 -18.07 35.26 -15.34
CA ASN A 874 -18.32 35.13 -13.91
C ASN A 874 -17.12 34.48 -13.19
N ASP A 875 -15.97 35.15 -13.34
CA ASP A 875 -14.72 34.73 -12.69
C ASP A 875 -14.31 33.33 -13.11
N ASP A 876 -14.52 32.99 -14.38
CA ASP A 876 -14.10 31.72 -14.93
C ASP A 876 -12.92 31.93 -15.87
N PRO A 877 -11.73 31.43 -15.53
CA PRO A 877 -10.56 31.68 -16.39
C PRO A 877 -10.61 30.94 -17.72
N ALA A 878 -10.98 29.66 -17.72
CA ALA A 878 -10.94 28.87 -18.94
C ALA A 878 -11.91 29.44 -19.99
N LYS A 879 -13.12 29.80 -19.56
CA LYS A 879 -14.13 30.28 -20.51
C LYS A 879 -13.65 31.53 -21.24
N ALA A 880 -12.97 32.44 -20.53
CA ALA A 880 -12.54 33.69 -21.14
C ALA A 880 -11.42 33.47 -22.14
N PHE A 881 -10.35 32.77 -21.72
CA PHE A 881 -9.15 32.64 -22.53
C PHE A 881 -9.02 31.28 -23.21
N ALA A 882 -10.13 30.55 -23.37
CA ALA A 882 -10.10 29.36 -24.22
C ALA A 882 -9.88 29.71 -25.67
N GLU A 883 -10.16 30.93 -26.06
CA GLU A 883 -9.84 31.40 -27.40
C GLU A 883 -8.46 32.03 -27.40
N PRO A 884 -7.59 31.70 -28.36
CA PRO A 884 -6.25 32.27 -28.42
C PRO A 884 -6.21 33.78 -28.18
N PHE A 885 -5.67 34.19 -27.03
CA PHE A 885 -5.64 35.60 -26.69
C PHE A 885 -4.51 36.27 -27.45
N ILE A 886 -4.86 37.24 -28.29
CA ILE A 886 -3.90 37.93 -29.16
C ILE A 886 -3.56 39.26 -28.50
N LYS A 887 -2.30 39.39 -28.06
CA LYS A 887 -1.84 40.65 -27.50
C LYS A 887 -1.69 41.70 -28.59
N LYS A 888 -1.74 42.96 -28.19
CA LYS A 888 -1.62 44.07 -29.14
C LYS A 888 -0.19 44.20 -29.65
N ALA A 891 0.94 38.86 -31.49
CA ALA A 891 1.45 37.77 -30.66
C ALA A 891 0.33 37.10 -29.87
N ILE A 892 0.56 35.86 -29.45
CA ILE A 892 -0.41 35.08 -28.70
C ILE A 892 0.07 34.98 -27.26
N VAL A 893 -0.86 35.09 -26.32
CA VAL A 893 -0.56 35.00 -24.90
C VAL A 893 -1.21 33.75 -24.34
N LYS A 894 -0.40 32.86 -23.78
CA LYS A 894 -0.88 31.65 -23.12
C LYS A 894 -0.58 31.63 -21.62
N SER A 895 0.56 32.20 -21.21
CA SER A 895 0.92 32.27 -19.81
C SER A 895 1.87 33.45 -19.61
N VAL A 896 1.59 34.28 -18.61
CA VAL A 896 2.41 35.45 -18.33
C VAL A 896 2.78 35.43 -16.86
N ARG A 897 3.97 35.95 -16.55
CA ARG A 897 4.52 35.81 -15.20
C ARG A 897 3.70 36.59 -14.19
N VAL A 898 3.71 36.11 -12.94
CA VAL A 898 2.84 36.56 -11.88
C VAL A 898 3.71 36.85 -10.65
N GLU A 899 3.06 37.29 -9.55
CA GLU A 899 3.72 37.50 -8.27
C GLU A 899 2.93 36.79 -7.18
N GLN A 900 3.65 36.19 -6.22
CA GLN A 900 3.02 35.46 -5.12
C GLN A 900 3.82 35.65 -3.84
N ILE A 901 3.22 35.24 -2.73
CA ILE A 901 3.86 35.39 -1.43
C ILE A 901 4.98 34.37 -1.29
N GLN A 902 6.21 34.85 -1.06
CA GLN A 902 7.36 33.95 -0.92
C GLN A 902 8.38 34.62 -0.01
N LYS A 903 8.38 34.25 1.27
CA LYS A 903 9.36 34.75 2.23
C LYS A 903 9.95 33.62 3.08
N SER A 904 9.77 32.38 2.65
CA SER A 904 10.35 31.23 3.33
C SER A 904 10.53 30.14 2.29
N GLY A 905 11.77 29.94 1.83
CA GLY A 905 11.98 29.07 0.69
C GLY A 905 13.29 28.31 0.75
N VAL A 906 13.34 27.25 -0.05
CA VAL A 906 14.51 26.42 -0.27
C VAL A 906 15.09 26.76 -1.64
N LEU A 907 16.40 26.92 -1.69
CA LEU A 907 17.10 27.25 -2.93
C LEU A 907 17.38 25.96 -3.70
N VAL A 908 16.79 25.82 -4.89
CA VAL A 908 16.88 24.63 -5.70
C VAL A 908 17.29 25.02 -7.12
N ARG A 909 17.43 24.02 -7.98
CA ARG A 909 17.81 24.21 -9.38
C ARG A 909 19.10 25.02 -9.50
N GLU A 910 20.17 24.41 -8.99
CA GLU A 910 21.53 24.97 -9.00
C GLU A 910 21.56 26.41 -8.51
N GLY A 911 20.69 26.73 -7.55
CA GLY A 911 20.66 28.05 -6.95
C GLY A 911 19.86 29.09 -7.72
N ASN A 912 19.26 28.72 -8.85
CA ASN A 912 18.51 29.66 -9.67
C ASN A 912 17.01 29.59 -9.44
N GLY A 913 16.54 28.71 -8.55
CA GLY A 913 15.13 28.62 -8.27
C GLY A 913 14.88 28.52 -6.77
N VAL A 914 13.62 28.67 -6.40
CA VAL A 914 13.20 28.65 -5.00
C VAL A 914 11.94 27.79 -4.91
N ALA A 915 11.66 27.29 -3.70
CA ALA A 915 10.44 26.55 -3.47
C ALA A 915 9.97 26.77 -2.04
N ASP A 916 8.69 26.52 -1.80
CA ASP A 916 8.17 26.61 -0.45
C ASP A 916 8.65 25.44 0.40
N ASN A 917 8.78 25.68 1.70
CA ASN A 917 9.09 24.59 2.62
C ASN A 917 7.96 23.58 2.65
N ALA A 918 8.30 22.30 2.77
CA ALA A 918 7.31 21.24 2.71
C ALA A 918 6.79 20.86 4.09
N SER A 919 7.67 20.42 4.97
CA SER A 919 7.25 19.96 6.29
C SER A 919 8.44 19.98 7.24
N MET A 920 8.20 20.45 8.45
CA MET A 920 9.21 20.42 9.49
C MET A 920 9.35 19.01 10.05
N VAL A 921 10.57 18.63 10.38
CA VAL A 921 10.84 17.36 11.03
C VAL A 921 11.28 17.51 12.48
N ARG A 922 11.63 18.73 12.92
CA ARG A 922 11.97 18.91 14.32
C ARG A 922 11.72 20.36 14.72
N VAL A 923 11.45 20.56 16.01
CA VAL A 923 11.32 21.90 16.59
C VAL A 923 12.17 21.94 17.85
N ASP A 924 13.16 22.82 17.88
CA ASP A 924 14.01 22.97 19.05
C ASP A 924 13.45 24.07 19.95
N VAL A 925 13.04 23.68 21.15
CA VAL A 925 12.55 24.61 22.14
C VAL A 925 13.75 25.13 22.94
N PHE A 926 13.93 26.45 22.94
CA PHE A 926 14.99 27.14 23.65
C PHE A 926 14.38 28.07 24.70
N THR A 927 15.21 28.45 25.67
CA THR A 927 14.90 29.51 26.63
C THR A 927 15.92 30.64 26.46
N LYS A 928 15.43 31.83 26.13
CA LYS A 928 16.26 33.03 26.02
C LYS A 928 15.58 34.16 26.76
N GLY A 929 16.33 34.86 27.61
CA GLY A 929 15.78 35.96 28.37
C GLY A 929 14.61 35.58 29.25
N GLY A 930 14.57 34.32 29.68
CA GLY A 930 13.44 33.85 30.47
C GLY A 930 12.19 33.57 29.67
N LYS A 931 12.29 33.41 28.35
CA LYS A 931 11.14 33.22 27.49
C LYS A 931 11.40 32.10 26.49
N TYR A 932 10.33 31.47 26.02
CA TYR A 932 10.43 30.31 25.15
C TYR A 932 10.53 30.75 23.70
N PHE A 933 11.45 30.10 22.96
CA PHE A 933 11.62 30.34 21.55
C PHE A 933 11.65 28.99 20.84
N LEU A 934 11.20 28.97 19.58
CA LEU A 934 11.04 27.71 18.85
C LEU A 934 11.75 27.81 17.50
N VAL A 935 12.78 27.00 17.34
CA VAL A 935 13.55 26.96 16.09
C VAL A 935 12.98 25.83 15.23
N PRO A 936 12.48 26.12 14.03
CA PRO A 936 12.02 25.05 13.14
C PRO A 936 13.17 24.38 12.41
N ILE A 937 12.98 23.10 12.10
CA ILE A 937 13.96 22.29 11.37
C ILE A 937 13.21 21.47 10.34
N TYR A 938 13.38 21.82 9.07
CA TYR A 938 12.73 21.15 7.95
C TYR A 938 13.66 20.08 7.38
N THR A 939 13.17 19.39 6.34
CA THR A 939 13.93 18.28 5.77
C THR A 939 15.12 18.77 4.96
N TRP A 940 14.97 19.90 4.27
CA TRP A 940 16.08 20.42 3.47
C TRP A 940 17.24 20.89 4.36
N GLN A 941 16.94 21.38 5.56
CA GLN A 941 17.99 21.70 6.51
C GLN A 941 18.69 20.44 6.99
N VAL A 942 17.94 19.35 7.17
CA VAL A 942 18.54 18.09 7.61
C VAL A 942 19.45 17.52 6.53
N ALA A 943 18.99 17.53 5.28
CA ALA A 943 19.79 17.00 4.18
C ALA A 943 21.08 17.79 4.01
N LYS A 944 20.99 19.11 4.10
CA LYS A 944 22.18 19.95 4.05
C LYS A 944 23.02 19.87 5.32
N GLY A 945 22.50 19.25 6.37
CA GLY A 945 23.26 19.11 7.61
C GLY A 945 23.44 20.38 8.39
N ILE A 946 22.59 21.36 8.19
CA ILE A 946 22.72 22.64 8.87
C ILE A 946 21.85 22.62 10.12
N LEU A 947 22.32 23.33 11.15
CA LEU A 947 21.59 23.44 12.41
C LEU A 947 21.09 24.87 12.57
N PRO A 948 19.81 25.14 12.33
CA PRO A 948 19.33 26.52 12.40
C PRO A 948 19.39 27.08 13.81
N ASN A 949 19.61 28.39 13.89
CA ASN A 949 19.64 29.12 15.16
C ASN A 949 18.58 30.20 15.23
N LYS A 950 17.63 30.23 14.29
CA LYS A 950 16.61 31.26 14.23
C LYS A 950 15.29 30.69 14.72
N ALA A 951 14.68 31.38 15.68
CA ALA A 951 13.40 30.98 16.25
C ALA A 951 12.28 31.83 15.66
N ALA A 952 11.12 31.22 15.46
CA ALA A 952 9.99 31.90 14.84
C ALA A 952 9.55 33.11 15.65
N THR A 953 9.75 34.30 15.10
CA THR A 953 9.31 35.55 15.71
C THR A 953 8.30 36.22 14.79
N GLN A 954 7.34 36.91 15.40
CA GLN A 954 6.19 37.42 14.67
C GLN A 954 6.45 38.83 14.13
N TYR A 955 5.69 39.18 13.10
CA TYR A 955 5.77 40.47 12.40
C TYR A 955 7.17 40.75 11.85
N LYS A 956 8.02 39.73 11.77
CA LYS A 956 9.34 39.88 11.15
C LYS A 956 9.71 38.57 10.49
N ASP A 957 10.49 38.66 9.43
CA ASP A 957 10.85 37.51 8.60
C ASP A 957 12.25 37.01 8.96
N GLU A 958 12.58 35.84 8.42
CA GLU A 958 13.80 35.13 8.80
C GLU A 958 15.07 35.90 8.48
N GLU A 959 14.98 37.00 7.74
CA GLU A 959 16.15 37.85 7.54
C GLU A 959 16.70 38.35 8.86
N ASP A 960 15.83 38.63 9.82
CA ASP A 960 16.25 39.01 11.17
C ASP A 960 15.21 38.49 12.16
N TRP A 961 15.45 37.28 12.68
CA TRP A 961 14.69 36.72 13.78
C TRP A 961 15.49 36.84 15.06
N GLU A 962 14.96 36.24 16.13
CA GLU A 962 15.67 36.18 17.40
C GLU A 962 16.73 35.10 17.32
N VAL A 963 17.99 35.48 17.50
CA VAL A 963 19.11 34.56 17.34
C VAL A 963 19.25 33.74 18.61
N MET A 964 19.28 32.41 18.47
CA MET A 964 19.50 31.51 19.59
C MET A 964 21.01 31.40 19.82
N ASP A 965 21.56 32.44 20.43
CA ASP A 965 23.00 32.59 20.60
C ASP A 965 23.44 31.96 21.92
N ASN A 966 24.66 32.26 22.34
CA ASN A 966 25.17 31.79 23.63
C ASN A 966 24.28 32.23 24.78
N SER A 967 23.60 33.37 24.63
CA SER A 967 22.70 33.84 25.68
C SER A 967 21.51 32.90 25.88
N ALA A 968 21.13 32.14 24.86
CA ALA A 968 20.00 31.25 24.94
C ALA A 968 20.42 29.87 25.43
N THR A 969 19.49 29.18 26.08
CA THR A 969 19.71 27.85 26.60
C THR A 969 18.76 26.87 25.91
N PHE A 970 19.33 25.79 25.36
CA PHE A 970 18.54 24.78 24.68
C PHE A 970 17.70 24.01 25.69
N LYS A 971 16.37 24.09 25.55
CA LYS A 971 15.50 23.36 26.46
C LYS A 971 15.35 21.90 26.04
N PHE A 972 14.78 21.66 24.86
CA PHE A 972 14.59 20.29 24.38
C PHE A 972 14.23 20.32 22.90
N SER A 973 13.86 19.17 22.36
CA SER A 973 13.48 19.02 20.96
C SER A 973 12.17 18.25 20.85
N LEU A 974 11.39 18.59 19.83
CA LEU A 974 10.06 18.02 19.62
C LEU A 974 9.95 17.51 18.19
N HIS A 975 9.48 16.29 18.05
CA HIS A 975 9.09 15.73 16.77
C HIS A 975 7.58 15.75 16.64
N PRO A 976 7.04 15.67 15.43
CA PRO A 976 5.58 15.69 15.26
C PRO A 976 4.92 14.59 16.07
N ASN A 977 3.79 14.94 16.69
CA ASN A 977 3.00 14.02 17.51
C ASN A 977 3.76 13.58 18.76
N ASP A 978 4.47 14.53 19.38
CA ASP A 978 5.11 14.32 20.67
C ASP A 978 4.28 14.93 21.79
N LEU A 979 4.35 14.33 22.97
CA LEU A 979 3.60 14.80 24.12
C LEU A 979 4.29 15.99 24.76
N VAL A 980 3.52 17.03 25.08
CA VAL A 980 4.00 18.19 25.80
C VAL A 980 3.01 18.52 26.91
N LYS A 981 3.53 19.09 27.99
CA LYS A 981 2.74 19.71 29.04
C LYS A 981 3.04 21.19 29.07
N LEU A 982 1.98 22.00 29.00
CA LEU A 982 2.10 23.44 29.05
C LEU A 982 1.24 23.97 30.18
N VAL A 983 1.87 24.60 31.16
CA VAL A 983 1.17 25.30 32.24
C VAL A 983 1.38 26.79 32.04
N THR A 984 0.29 27.55 32.11
CA THR A 984 0.29 28.99 31.94
C THR A 984 -0.42 29.63 33.13
N LYS A 985 -0.68 30.94 33.04
CA LYS A 985 -1.38 31.63 34.12
C LYS A 985 -2.85 31.22 34.21
N LYS A 986 -3.41 30.60 33.16
CA LYS A 986 -4.82 30.28 33.11
C LYS A 986 -5.11 28.80 33.35
N LYS A 987 -4.48 27.90 32.59
CA LYS A 987 -4.80 26.48 32.68
C LYS A 987 -3.56 25.66 32.33
N THR A 988 -3.73 24.34 32.34
CA THR A 988 -2.67 23.39 32.02
C THR A 988 -3.19 22.43 30.97
N ILE A 989 -2.38 22.17 29.94
CA ILE A 989 -2.77 21.26 28.88
C ILE A 989 -1.67 20.21 28.70
N LEU A 990 -2.05 18.94 28.73
CA LEU A 990 -1.15 17.82 28.44
C LEU A 990 -1.62 17.19 27.15
N GLY A 991 -0.93 17.49 26.05
CA GLY A 991 -1.40 17.06 24.74
C GLY A 991 -0.26 16.85 23.78
N TYR A 992 -0.59 16.21 22.65
CA TYR A 992 0.42 15.87 21.67
C TYR A 992 0.70 17.04 20.76
N PHE A 993 1.98 17.40 20.62
CA PHE A 993 2.39 18.50 19.75
C PHE A 993 1.94 18.23 18.32
N ASN A 994 1.33 19.24 17.70
CA ASN A 994 0.68 19.06 16.41
C ASN A 994 1.04 20.19 15.45
N GLY A 995 2.28 20.64 15.48
CA GLY A 995 2.80 21.57 14.49
C GLY A 995 3.12 22.93 15.07
N LEU A 996 3.80 23.72 14.23
CA LEU A 996 4.23 25.07 14.57
C LEU A 996 3.89 26.02 13.44
N ASN A 997 3.36 27.19 13.78
CA ASN A 997 3.06 28.21 12.80
C ASN A 997 4.29 29.10 12.64
N ARG A 998 4.87 29.11 11.45
CA ARG A 998 6.08 29.90 11.20
C ARG A 998 5.81 31.40 11.31
N ALA A 999 4.61 31.84 10.90
CA ALA A 999 4.31 33.26 10.90
C ALA A 999 4.07 33.78 12.32
N THR A 1000 3.07 33.23 13.01
CA THR A 1000 2.72 33.69 14.34
C THR A 1000 3.70 33.22 15.41
N GLY A 1001 4.45 32.16 15.16
CA GLY A 1001 5.29 31.57 16.18
C GLY A 1001 4.55 30.73 17.20
N ASN A 1002 3.29 30.44 16.97
CA ASN A 1002 2.45 29.69 17.89
C ASN A 1002 2.41 28.21 17.50
N ILE A 1003 1.90 27.40 18.42
CA ILE A 1003 1.86 25.96 18.25
C ILE A 1003 0.42 25.47 18.30
N ASP A 1004 0.22 24.28 17.76
CA ASP A 1004 -1.03 23.53 17.89
C ASP A 1004 -0.70 22.24 18.63
N ILE A 1005 -1.48 21.93 19.66
CA ILE A 1005 -1.31 20.68 20.41
C ILE A 1005 -2.63 19.93 20.42
N LYS A 1006 -2.54 18.61 20.31
CA LYS A 1006 -3.69 17.74 20.13
C LYS A 1006 -4.13 17.16 21.47
N GLU A 1007 -5.42 17.29 21.77
CA GLU A 1007 -5.97 16.61 22.94
C GLU A 1007 -5.85 15.11 22.76
N HIS A 1008 -5.52 14.40 23.84
CA HIS A 1008 -5.15 12.99 23.73
C HIS A 1008 -6.30 12.14 23.18
N ASP A 1009 -7.55 12.55 23.38
CA ASP A 1009 -8.68 11.77 22.91
C ASP A 1009 -9.55 12.51 21.91
N LEU A 1010 -9.27 13.79 21.61
CA LEU A 1010 -10.03 14.58 20.65
C LEU A 1010 -11.50 14.73 21.08
N ASP A 1011 -11.70 15.37 22.23
CA ASP A 1011 -13.03 15.72 22.68
C ASP A 1011 -13.59 16.89 21.90
N LYS A 1012 -14.89 16.84 21.60
CA LYS A 1012 -15.55 18.00 21.04
C LYS A 1012 -15.58 19.15 22.03
N SER A 1013 -15.56 18.84 23.33
CA SER A 1013 -15.69 19.85 24.37
C SER A 1013 -14.40 20.62 24.63
N LYS A 1014 -13.28 20.18 24.06
CA LYS A 1014 -11.98 20.78 24.32
C LYS A 1014 -11.36 21.24 23.00
N GLY A 1015 -10.86 22.47 22.98
CA GLY A 1015 -10.19 23.03 21.83
C GLY A 1015 -11.12 23.21 20.64
N LYS A 1016 -10.50 23.36 19.47
CA LYS A 1016 -11.24 23.45 18.21
C LYS A 1016 -11.39 22.04 17.67
N GLN A 1017 -12.52 21.41 18.00
CA GLN A 1017 -12.83 20.04 17.58
C GLN A 1017 -11.77 19.05 18.06
N GLY A 1018 -11.12 19.35 19.19
CA GLY A 1018 -10.17 18.44 19.80
C GLY A 1018 -8.73 18.91 19.80
N ILE A 1019 -8.41 20.02 19.14
CA ILE A 1019 -7.04 20.53 19.11
C ILE A 1019 -7.04 21.99 19.53
N PHE A 1020 -6.04 22.37 20.32
CA PHE A 1020 -5.87 23.76 20.76
C PHE A 1020 -4.98 24.48 19.76
N GLU A 1021 -5.59 25.35 18.95
CA GLU A 1021 -4.91 25.98 17.83
C GLU A 1021 -4.42 27.37 18.21
N GLY A 1022 -3.19 27.67 17.79
CA GLY A 1022 -2.65 29.01 17.97
C GLY A 1022 -2.19 29.35 19.38
N VAL A 1023 -1.74 28.37 20.14
CA VAL A 1023 -1.28 28.62 21.51
C VAL A 1023 0.11 29.23 21.47
N GLY A 1024 0.26 30.41 22.08
CA GLY A 1024 1.56 31.04 22.19
C GLY A 1024 2.24 30.64 23.48
N ILE A 1025 3.55 30.36 23.38
CA ILE A 1025 4.31 29.84 24.51
C ILE A 1025 5.45 30.78 24.92
N LYS A 1026 5.54 31.96 24.31
CA LYS A 1026 6.63 32.87 24.62
C LYS A 1026 6.58 33.32 26.08
N LEU A 1027 5.39 33.66 26.57
CA LEU A 1027 5.21 34.15 27.93
C LEU A 1027 4.64 33.10 28.87
N ALA A 1028 4.63 31.83 28.46
CA ALA A 1028 4.05 30.79 29.28
C ALA A 1028 4.91 30.51 30.50
N LEU A 1029 4.34 29.80 31.47
CA LEU A 1029 5.07 29.48 32.70
C LEU A 1029 6.00 28.30 32.50
N SER A 1030 5.46 27.14 32.15
CA SER A 1030 6.28 25.95 31.91
C SER A 1030 5.82 25.23 30.65
N PHE A 1031 6.79 24.83 29.82
CA PHE A 1031 6.54 24.09 28.58
C PHE A 1031 7.55 22.96 28.53
N GLU A 1032 7.11 21.73 28.81
CA GLU A 1032 8.02 20.62 29.01
C GLU A 1032 7.61 19.43 28.16
N LYS A 1033 8.60 18.63 27.75
CA LYS A 1033 8.35 17.42 26.98
C LYS A 1033 8.17 16.23 27.92
N TYR A 1034 7.29 15.31 27.52
CA TYR A 1034 6.94 14.15 28.32
C TYR A 1034 7.06 12.89 27.48
N GLN A 1035 6.70 11.75 28.08
CA GLN A 1035 6.79 10.45 27.44
C GLN A 1035 5.61 9.59 27.88
N VAL A 1036 5.13 8.76 26.96
CA VAL A 1036 4.01 7.85 27.23
C VAL A 1036 4.33 6.49 26.62
N ASP A 1037 3.96 5.43 27.34
CA ASP A 1037 4.08 4.07 26.84
C ASP A 1037 2.99 3.80 25.79
N GLU A 1038 3.12 2.66 25.12
CA GLU A 1038 2.12 2.27 24.12
C GLU A 1038 0.77 1.98 24.76
N LEU A 1039 0.76 1.66 26.04
CA LEU A 1039 -0.48 1.37 26.76
C LEU A 1039 -1.08 2.60 27.42
N GLY A 1040 -0.51 3.78 27.18
CA GLY A 1040 -0.97 4.99 27.85
C GLY A 1040 -0.44 5.18 29.25
N LYS A 1041 0.58 4.42 29.64
CA LYS A 1041 1.13 4.46 30.98
C LYS A 1041 2.44 5.24 31.02
N ASN A 1042 2.88 5.55 32.25
CA ASN A 1042 4.18 6.16 32.50
C ASN A 1042 4.32 7.51 31.83
N ILE A 1043 3.38 8.41 32.15
CA ILE A 1043 3.50 9.81 31.73
C ILE A 1043 4.44 10.50 32.71
N ARG A 1044 5.65 10.82 32.25
CA ARG A 1044 6.64 11.40 33.15
C ARG A 1044 7.57 12.32 32.36
N LEU A 1045 8.22 13.22 33.10
CA LEU A 1045 9.12 14.19 32.50
C LEU A 1045 10.36 13.51 31.94
N CYS A 1046 10.81 14.00 30.77
CA CYS A 1046 12.06 13.56 30.16
C CYS A 1046 12.93 14.79 29.94
N LYS A 1047 14.17 14.72 30.42
CA LYS A 1047 15.08 15.86 30.35
C LYS A 1047 16.27 15.51 29.46
N PRO A 1048 16.29 15.94 28.21
CA PRO A 1048 17.46 15.70 27.36
C PRO A 1048 18.64 16.54 27.79
N SER A 1049 19.83 16.04 27.45
CA SER A 1049 21.08 16.65 27.89
C SER A 1049 21.58 17.68 26.87
N LYS A 1050 21.78 17.27 25.62
CA LYS A 1050 22.44 18.10 24.63
C LYS A 1050 21.57 18.20 23.38
N ARG A 1051 21.70 19.33 22.67
CA ARG A 1051 21.05 19.49 21.38
C ARG A 1051 21.73 18.58 20.36
N GLN A 1052 20.95 17.69 19.74
CA GLN A 1052 21.52 16.74 18.80
C GLN A 1052 21.64 17.36 17.41
N PRO A 1053 22.58 16.89 16.60
CA PRO A 1053 22.69 17.37 15.22
C PRO A 1053 21.53 16.85 14.38
N VAL A 1054 21.36 17.48 13.22
CA VAL A 1054 20.31 17.06 12.29
C VAL A 1054 20.70 15.81 11.51
N ARG A 1055 22.00 15.52 11.40
CA ARG A 1055 22.45 14.29 10.76
C ARG A 1055 23.29 13.45 11.71
N MET C 2 42.75 -9.51 -5.58
CA MET C 2 42.13 -10.40 -6.55
C MET C 2 41.91 -9.72 -7.88
N LYS C 3 41.78 -10.51 -8.95
CA LYS C 3 41.50 -10.01 -10.29
C LYS C 3 40.26 -10.71 -10.82
N ILE C 4 39.38 -9.93 -11.46
CA ILE C 4 38.09 -10.42 -11.93
C ILE C 4 38.08 -10.35 -13.45
N THR C 5 37.69 -11.45 -14.08
CA THR C 5 37.40 -11.46 -15.52
C THR C 5 36.06 -12.12 -15.75
N SER C 6 35.71 -12.38 -17.01
CA SER C 6 34.46 -13.09 -17.29
C SER C 6 34.50 -14.52 -16.77
N SER C 7 35.70 -15.07 -16.55
CA SER C 7 35.83 -16.46 -16.12
C SER C 7 35.49 -16.66 -14.65
N ASN C 8 35.83 -15.69 -13.80
CA ASN C 8 35.67 -15.83 -12.37
C ASN C 8 34.61 -14.91 -11.77
N PHE C 9 33.93 -14.12 -12.59
CA PHE C 9 32.99 -13.14 -12.08
C PHE C 9 31.80 -13.81 -11.41
N ALA C 10 31.20 -14.81 -12.08
CA ALA C 10 30.12 -15.56 -11.44
C ALA C 10 30.60 -16.34 -10.22
N THR C 11 31.90 -16.62 -10.13
CA THR C 11 32.42 -17.40 -9.02
C THR C 11 32.70 -16.56 -7.79
N ILE C 12 32.94 -15.26 -7.96
CA ILE C 12 33.32 -14.39 -6.85
C ILE C 12 32.11 -13.57 -6.41
N ALA C 13 31.21 -13.29 -7.36
CA ALA C 13 29.98 -12.56 -7.07
C ALA C 13 28.92 -13.55 -6.55
N THR C 14 29.13 -13.97 -5.31
CA THR C 14 28.32 -15.01 -4.70
C THR C 14 27.72 -14.51 -3.39
N SER C 15 26.66 -15.19 -2.94
CA SER C 15 25.94 -14.77 -1.75
C SER C 15 26.82 -14.79 -0.51
N GLU C 16 27.75 -15.74 -0.42
CA GLU C 16 28.63 -15.80 0.75
C GLU C 16 29.49 -14.54 0.86
N ASN C 17 30.06 -14.10 -0.27
CA ASN C 17 30.86 -12.88 -0.25
C ASN C 17 29.99 -11.65 0.00
N PHE C 18 28.79 -11.62 -0.59
CA PHE C 18 27.88 -10.50 -0.36
C PHE C 18 27.43 -10.45 1.11
N ALA C 19 27.15 -11.61 1.70
CA ALA C 19 26.70 -11.64 3.09
C ALA C 19 27.79 -11.18 4.04
N LYS C 20 29.04 -11.57 3.78
CA LYS C 20 30.15 -11.20 4.66
C LYS C 20 30.55 -9.73 4.55
N LEU C 21 29.79 -8.92 3.82
CA LEU C 21 29.99 -7.47 3.80
C LEU C 21 29.26 -6.76 4.92
N SER C 22 28.51 -7.50 5.76
CA SER C 22 27.71 -6.89 6.81
C SER C 22 28.59 -6.27 7.90
N VAL C 23 29.72 -6.91 8.20
CA VAL C 23 30.58 -6.45 9.29
C VAL C 23 31.17 -5.07 9.01
N LEU C 24 31.14 -4.63 7.76
CA LEU C 24 31.66 -3.31 7.41
C LEU C 24 30.83 -2.21 8.08
N PRO C 25 31.46 -1.09 8.42
CA PRO C 25 30.69 0.05 8.94
C PRO C 25 29.88 0.70 7.84
N LYS C 26 28.82 1.41 8.26
CA LYS C 26 27.92 2.05 7.31
C LYS C 26 28.65 2.98 6.36
N ASN C 27 29.77 3.56 6.81
CA ASN C 27 30.50 4.53 5.99
C ASN C 27 30.93 3.92 4.67
N HIS C 28 31.55 2.73 4.71
CA HIS C 28 32.06 2.08 3.52
C HIS C 28 31.17 0.95 3.02
N ARG C 29 30.29 0.41 3.88
CA ARG C 29 29.47 -0.72 3.49
C ARG C 29 28.52 -0.36 2.35
N GLU C 30 27.90 0.82 2.43
CA GLU C 30 26.91 1.19 1.42
C GLU C 30 27.49 1.29 0.02
N PRO C 31 28.58 2.04 -0.22
CA PRO C 31 29.11 2.10 -1.60
C PRO C 31 29.62 0.76 -2.12
N ILE C 32 30.19 -0.07 -1.25
CA ILE C 32 30.72 -1.35 -1.70
C ILE C 32 29.60 -2.29 -2.11
N LYS C 33 28.55 -2.38 -1.29
CA LYS C 33 27.39 -3.19 -1.66
C LYS C 33 26.70 -2.64 -2.90
N GLY C 34 26.60 -1.31 -3.00
CA GLY C 34 25.97 -0.72 -4.18
C GLY C 34 26.71 -1.06 -5.45
N LEU C 35 28.04 -0.94 -5.43
CA LEU C 35 28.84 -1.32 -6.59
C LEU C 35 28.71 -2.81 -6.88
N PHE C 36 28.74 -3.63 -5.84
CA PHE C 36 28.79 -5.08 -6.04
C PHE C 36 27.43 -5.58 -6.54
N LYS C 37 26.33 -5.12 -5.92
CA LYS C 37 25.01 -5.51 -6.38
C LYS C 37 24.73 -5.01 -7.79
N SER C 38 25.16 -3.78 -8.09
CA SER C 38 24.98 -3.24 -9.44
C SER C 38 25.74 -4.05 -10.47
N ALA C 39 26.96 -4.49 -10.13
CA ALA C 39 27.73 -5.32 -11.05
C ALA C 39 27.03 -6.65 -11.32
N VAL C 40 26.45 -7.25 -10.29
CA VAL C 40 25.77 -8.54 -10.45
C VAL C 40 24.57 -8.38 -11.38
N GLU C 41 23.77 -7.34 -11.17
CA GLU C 41 22.58 -7.14 -11.98
C GLU C 41 22.92 -6.87 -13.45
N GLN C 42 23.93 -6.04 -13.69
CA GLN C 42 24.33 -5.75 -15.06
C GLN C 42 24.84 -6.99 -15.77
N PHE C 43 25.63 -7.81 -15.07
CA PHE C 43 26.22 -9.00 -15.68
C PHE C 43 25.20 -10.13 -15.83
N SER C 44 24.26 -10.25 -14.89
CA SER C 44 23.27 -11.32 -14.98
C SER C 44 22.37 -11.15 -16.20
N SER C 45 22.21 -9.92 -16.67
CA SER C 45 21.38 -9.62 -17.85
C SER C 45 22.22 -9.14 -19.02
N ALA C 46 23.50 -9.55 -19.08
CA ALA C 46 24.38 -9.11 -20.16
C ALA C 46 23.95 -9.67 -21.50
N ARG C 47 23.35 -10.85 -21.52
CA ARG C 47 22.87 -11.47 -22.75
C ARG C 47 21.41 -11.18 -23.03
N ASP C 48 20.75 -10.36 -22.20
CA ASP C 48 19.33 -10.07 -22.36
C ASP C 48 19.07 -9.27 -23.64
N PHE C 49 20.08 -8.58 -24.17
CA PHE C 49 19.89 -7.76 -25.37
C PHE C 49 19.49 -8.62 -26.57
N PHE C 50 20.04 -9.83 -26.65
CA PHE C 50 19.79 -10.70 -27.80
C PHE C 50 18.35 -11.19 -27.88
N LYS C 51 17.55 -11.01 -26.83
CA LYS C 51 16.18 -11.50 -26.80
C LYS C 51 15.16 -10.43 -27.15
N ASN C 52 15.60 -9.33 -27.76
CA ASN C 52 14.71 -8.25 -28.14
C ASN C 52 14.76 -8.06 -29.65
N GLU C 53 13.57 -7.89 -30.25
CA GLU C 53 13.48 -7.71 -31.69
C GLU C 53 13.91 -6.32 -32.15
N ASN C 54 14.11 -5.39 -31.22
CA ASN C 54 14.49 -4.02 -31.55
C ASN C 54 16.01 -3.83 -31.61
N TYR C 55 16.79 -4.87 -31.35
CA TYR C 55 18.24 -4.79 -31.33
C TYR C 55 18.82 -5.73 -32.37
N SER C 56 19.65 -5.19 -33.26
CA SER C 56 20.33 -6.02 -34.24
C SER C 56 21.41 -6.87 -33.58
N LYS C 57 21.75 -7.99 -34.21
CA LYS C 57 22.68 -8.93 -33.61
C LYS C 57 24.05 -8.29 -33.41
N GLU C 58 24.53 -7.52 -34.40
CA GLU C 58 25.80 -6.82 -34.24
C GLU C 58 25.73 -5.81 -33.11
N LEU C 59 24.62 -5.09 -33.00
CA LEU C 59 24.43 -4.16 -31.89
C LEU C 59 24.35 -4.91 -30.56
N ALA C 60 23.64 -6.04 -30.54
CA ALA C 60 23.56 -6.85 -29.33
C ALA C 60 24.93 -7.37 -28.92
N GLU C 61 25.76 -7.73 -29.89
CA GLU C 61 27.14 -8.11 -29.59
C GLU C 61 27.89 -6.95 -28.95
N LYS C 62 27.72 -5.74 -29.48
CA LYS C 62 28.37 -4.57 -28.91
C LYS C 62 27.88 -4.32 -27.48
N PHE C 63 26.57 -4.44 -27.25
CA PHE C 63 26.03 -4.22 -25.92
C PHE C 63 26.53 -5.27 -24.93
N ASN C 64 26.62 -6.53 -25.37
CA ASN C 64 27.04 -7.60 -24.46
C ASN C 64 28.47 -7.39 -23.99
N LYS C 65 29.36 -6.95 -24.89
CA LYS C 65 30.75 -6.73 -24.50
C LYS C 65 30.87 -5.63 -23.45
N GLU C 66 30.15 -4.51 -23.66
CA GLU C 66 30.17 -3.44 -22.67
C GLU C 66 29.56 -3.88 -21.35
N ALA C 67 28.47 -4.66 -21.41
CA ALA C 67 27.80 -5.08 -20.19
C ALA C 67 28.72 -5.92 -19.31
N VAL C 68 29.44 -6.87 -19.92
CA VAL C 68 30.38 -7.68 -19.16
C VAL C 68 31.58 -6.85 -18.71
N ASN C 69 32.11 -6.02 -19.61
CA ASN C 69 33.26 -5.19 -19.26
C ASN C 69 32.91 -4.22 -18.13
N GLU C 70 31.75 -3.57 -18.22
CA GLU C 70 31.34 -2.63 -17.19
C GLU C 70 31.15 -3.33 -15.85
N ALA C 71 30.48 -4.48 -15.86
CA ALA C 71 30.16 -5.18 -14.62
C ALA C 71 31.42 -5.74 -13.96
N VAL C 72 32.37 -6.23 -14.76
CA VAL C 72 33.63 -6.71 -14.22
C VAL C 72 34.40 -5.58 -13.55
N GLU C 73 34.37 -4.40 -14.16
CA GLU C 73 35.07 -3.24 -13.59
C GLU C 73 34.52 -2.87 -12.22
N LYS C 74 33.20 -2.92 -12.06
CA LYS C 74 32.58 -2.51 -10.80
C LYS C 74 32.98 -3.46 -9.66
N LEU C 75 32.93 -4.78 -9.90
CA LEU C 75 33.32 -5.70 -8.85
C LEU C 75 34.79 -5.59 -8.51
N GLN C 76 35.65 -5.32 -9.51
CA GLN C 76 37.06 -5.07 -9.20
C GLN C 76 37.21 -3.88 -8.28
N LYS C 77 36.43 -2.81 -8.51
CA LYS C 77 36.42 -1.70 -7.56
C LYS C 77 35.86 -2.12 -6.21
N ALA C 78 34.84 -2.98 -6.21
CA ALA C 78 34.22 -3.41 -4.97
C ALA C 78 35.19 -4.21 -4.11
N ILE C 79 35.90 -5.17 -4.72
CA ILE C 79 36.88 -5.95 -3.97
C ILE C 79 38.01 -5.05 -3.50
N ASP C 80 38.49 -4.16 -4.38
CA ASP C 80 39.64 -3.33 -4.04
C ASP C 80 39.35 -2.45 -2.84
N LEU C 81 38.15 -1.88 -2.77
CA LEU C 81 37.80 -1.02 -1.64
C LEU C 81 37.50 -1.83 -0.39
N ALA C 82 36.88 -3.01 -0.54
CA ALA C 82 36.62 -3.86 0.62
C ALA C 82 37.90 -4.49 1.14
N GLU C 83 38.79 -4.92 0.23
CA GLU C 83 40.08 -5.43 0.67
C GLU C 83 40.89 -4.35 1.38
N LYS C 84 40.70 -3.08 0.99
CA LYS C 84 41.32 -1.99 1.71
C LYS C 84 40.87 -1.94 3.17
N GLN C 85 39.66 -2.42 3.44
CA GLN C 85 39.12 -2.50 4.79
C GLN C 85 39.38 -3.86 5.44
N GLY C 86 40.11 -4.75 4.77
CA GLY C 86 40.45 -6.02 5.35
C GLY C 86 39.31 -7.03 5.39
N ILE C 87 38.87 -7.48 4.21
CA ILE C 87 37.79 -8.44 4.10
C ILE C 87 38.37 -9.81 3.78
N GLN C 88 37.88 -10.84 4.48
CA GLN C 88 38.31 -12.22 4.25
C GLN C 88 37.60 -12.81 3.02
N PHE C 89 37.85 -12.18 1.87
CA PHE C 89 37.19 -12.59 0.63
C PHE C 89 37.69 -13.94 0.16
#